data_5YVI
#
_entry.id   5YVI
#
_cell.length_a   129.042
_cell.length_b   156.102
_cell.length_c   68.248
_cell.angle_alpha   90.00
_cell.angle_beta   90.00
_cell.angle_gamma   90.00
#
_symmetry.space_group_name_H-M   'P 21 21 2'
#
loop_
_entity.id
_entity.type
_entity.pdbx_description
1 polymer Transportin-1
2 polymer 'RNA-binding protein FUS'
#
loop_
_entity_poly.entity_id
_entity_poly.type
_entity_poly.pdbx_seq_one_letter_code
_entity_poly.pdbx_strand_id
1 'polypeptide(L)'
;GSMEYEWKPDEQGLQQILQLLKESQSPDTTIQRTVQQKLEQLNQYPDFNNYLIFVLTKLKSEDEPTRSLSGLILKNNVKA
HFQNFPNGVTDFIKSECLNNIGDSSPLIRATVGILITTIASKGELQNWPDLLPKLCSLLDSEDYNTCEGAFGALQKICED
SAEILDSDVLDRPLNIMIPKFLQFFKHSSPKIRSHAVACVNQFIISRTQALMLHIDSFIENLFALAGDEEPEVRKNVCRA
LVMLLEVRMDRLLPHMHNIVEYMLQRTQDQDENVALEACEFWLTLAEQPICKDVLVRHLPKLIPVLVNGMKYSDIDIILL
KGDVEEDETIPDSEQDIRGGSGGSGDTISDWNLRKCSAAALDVLANVYRDELLPHILPLLKELLFHHEWVVKESGILVLG
AIAEGCMQGMIPYLPELIPHLIQCLSDKKALVRSITCWTLSRYAHWVVSQPPDTYLKPLMTELLKRILDSNKRVQEAACS
AFATLEEEACTELVPYLAYILDTLVFAFSKYQHKNLLILYDAIGTLADSVGHHLNKPEYIQMLMPPLIQKWNMLKDEDKD
LFPLLECLSSVATALQSGFLPYCEPVYQRCVNLVQKTLAQAMLNNAQPDQYEAPDKDFMIVALDLLSGLAEGLGGNIEQL
VARSNILTLMYQCMQDKMPEVRQSSFALLGDLTKACFQHVKPCIADFMPILGTNLNPEFISVCNNATWAIGEISIQMGIE
MQPYIPMVLHQLVEIINRPNTPKTLLENTAITIGRLGYVCPQEVAPMLQQFIRPWCTSLRNIRDNEEKDSAFRGICTMIS
VNPSGVIQDFIFFCDAVASWINPKDDLRDMFCKILHGFKNQVGDENWRRFSDQFPLPLKERLAAFYGV
;
A
2 'polypeptide(L)' GSGGGPGGSHMGGNYGDDRRGGRGGYDRGGYRGRGGDRGGFRGGRGGGDRGGFGPGKMDSRGEHRQDRRERPY B
#
# COMPACT_ATOMS: atom_id res chain seq x y z
N GLU A 6 -24.86 47.08 -11.91
CA GLU A 6 -24.45 47.45 -13.26
C GLU A 6 -24.95 46.46 -14.33
N TRP A 7 -25.71 45.45 -13.89
CA TRP A 7 -26.34 44.46 -14.77
C TRP A 7 -27.76 44.19 -14.28
N LYS A 8 -28.75 44.38 -15.14
CA LYS A 8 -30.11 44.07 -14.73
C LYS A 8 -30.86 43.38 -15.86
N PRO A 9 -31.78 42.45 -15.52
CA PRO A 9 -32.40 41.59 -16.53
C PRO A 9 -33.54 42.28 -17.25
N ASP A 10 -33.93 41.69 -18.38
CA ASP A 10 -35.09 42.13 -19.14
C ASP A 10 -36.05 40.96 -19.33
N GLU A 11 -37.32 41.28 -19.61
CA GLU A 11 -38.37 40.26 -19.53
C GLU A 11 -38.24 39.23 -20.63
N GLN A 12 -37.78 39.63 -21.82
CA GLN A 12 -37.63 38.69 -22.93
C GLN A 12 -36.60 37.61 -22.62
N GLY A 13 -35.41 38.03 -22.15
CA GLY A 13 -34.40 37.06 -21.81
C GLY A 13 -34.83 36.17 -20.67
N LEU A 14 -35.53 36.74 -19.70
CA LEU A 14 -36.01 35.98 -18.54
C LEU A 14 -37.01 34.93 -18.96
N GLN A 15 -37.97 35.29 -19.80
CA GLN A 15 -38.96 34.32 -20.26
C GLN A 15 -38.30 33.14 -20.97
N GLN A 16 -37.26 33.39 -21.77
CA GLN A 16 -36.61 32.30 -22.48
C GLN A 16 -35.88 31.37 -21.53
N ILE A 17 -35.24 31.92 -20.49
CA ILE A 17 -34.60 31.09 -19.48
C ILE A 17 -35.63 30.30 -18.69
N LEU A 18 -36.67 30.99 -18.21
CA LEU A 18 -37.71 30.29 -17.45
C LEU A 18 -38.33 29.19 -18.29
N GLN A 19 -38.67 29.51 -19.56
CA GLN A 19 -39.10 28.48 -20.51
C GLN A 19 -38.11 27.33 -20.54
N LEU A 20 -36.82 27.64 -20.71
CA LEU A 20 -35.81 26.61 -20.83
C LEU A 20 -35.65 25.83 -19.52
N LEU A 21 -35.83 26.50 -18.38
CA LEU A 21 -35.69 25.81 -17.09
C LEU A 21 -36.86 24.87 -16.83
N LYS A 22 -38.08 25.29 -17.20
CA LYS A 22 -39.23 24.41 -17.07
C LYS A 22 -39.08 23.19 -17.98
N GLU A 23 -38.70 23.43 -19.24
CA GLU A 23 -38.54 22.34 -20.19
C GLU A 23 -37.55 21.29 -19.68
N SER A 24 -36.48 21.70 -19.00
CA SER A 24 -35.52 20.75 -18.46
C SER A 24 -36.11 19.87 -17.37
N GLN A 25 -37.29 20.21 -16.86
CA GLN A 25 -37.97 19.41 -15.86
C GLN A 25 -39.08 18.55 -16.46
N SER A 26 -39.18 18.50 -17.79
CA SER A 26 -40.23 17.72 -18.42
C SER A 26 -39.94 16.22 -18.27
N PRO A 27 -40.98 15.41 -18.14
CA PRO A 27 -40.78 13.96 -17.96
C PRO A 27 -40.46 13.18 -19.23
N ASP A 28 -40.59 13.79 -20.42
CA ASP A 28 -40.59 13.02 -21.66
C ASP A 28 -39.18 12.48 -21.99
N THR A 29 -39.16 11.47 -22.86
CA THR A 29 -37.96 10.70 -23.14
C THR A 29 -36.87 11.56 -23.78
N THR A 30 -37.22 12.31 -24.82
CA THR A 30 -36.22 12.98 -25.66
C THR A 30 -36.10 14.48 -25.43
N ILE A 31 -37.15 15.16 -24.91
CA ILE A 31 -37.05 16.60 -24.66
C ILE A 31 -35.94 16.90 -23.66
N GLN A 32 -35.63 15.93 -22.81
CA GLN A 32 -34.51 16.09 -21.90
C GLN A 32 -33.17 16.07 -22.63
N ARG A 33 -33.02 15.21 -23.63
CA ARG A 33 -31.80 15.24 -24.41
C ARG A 33 -31.71 16.52 -25.24
N THR A 34 -32.87 17.03 -25.66
CA THR A 34 -32.87 18.28 -26.43
C THR A 34 -32.53 19.47 -25.55
N VAL A 35 -33.05 19.52 -24.32
CA VAL A 35 -32.76 20.66 -23.47
C VAL A 35 -31.28 20.68 -23.07
N GLN A 36 -30.65 19.51 -22.98
CA GLN A 36 -29.24 19.50 -22.57
C GLN A 36 -28.35 20.04 -23.68
N GLN A 37 -28.71 19.80 -24.95
CA GLN A 37 -27.92 20.36 -26.04
C GLN A 37 -28.08 21.88 -26.12
N LYS A 38 -29.25 22.40 -25.72
CA LYS A 38 -29.42 23.85 -25.68
C LYS A 38 -28.71 24.47 -24.48
N LEU A 39 -28.72 23.79 -23.34
CA LEU A 39 -27.94 24.29 -22.22
C LEU A 39 -26.45 24.27 -22.54
N GLU A 40 -25.99 23.17 -23.13
CA GLU A 40 -24.59 23.01 -23.53
C GLU A 40 -24.11 24.23 -24.34
N GLN A 41 -24.98 24.72 -25.23
CA GLN A 41 -24.58 25.86 -26.04
C GLN A 41 -24.62 27.16 -25.24
N LEU A 42 -25.66 27.38 -24.45
CA LEU A 42 -25.77 28.62 -23.69
C LEU A 42 -24.76 28.72 -22.56
N ASN A 43 -24.24 27.58 -22.08
CA ASN A 43 -23.46 27.54 -20.84
C ASN A 43 -22.23 28.44 -20.87
N GLN A 44 -21.67 28.68 -22.06
CA GLN A 44 -20.42 29.42 -22.20
C GLN A 44 -20.65 30.92 -22.33
N TYR A 45 -21.89 31.39 -22.29
CA TYR A 45 -22.18 32.82 -22.38
C TYR A 45 -22.32 33.39 -20.98
N PRO A 46 -21.46 34.35 -20.59
CA PRO A 46 -21.57 34.92 -19.24
C PRO A 46 -22.93 35.51 -18.91
N ASP A 47 -23.59 36.18 -19.87
CA ASP A 47 -24.88 36.78 -19.55
C ASP A 47 -25.90 35.74 -19.13
N PHE A 48 -25.72 34.50 -19.59
CA PHE A 48 -26.63 33.42 -19.22
C PHE A 48 -26.46 33.07 -17.74
N ASN A 49 -25.22 33.00 -17.25
CA ASN A 49 -24.99 32.73 -15.85
C ASN A 49 -25.47 33.87 -14.96
N ASN A 50 -25.46 35.11 -15.45
CA ASN A 50 -26.08 36.18 -14.69
C ASN A 50 -27.56 35.92 -14.49
N TYR A 51 -28.23 35.39 -15.51
CA TYR A 51 -29.64 35.05 -15.40
C TYR A 51 -29.85 33.89 -14.43
N LEU A 52 -28.98 32.87 -14.48
CA LEU A 52 -29.13 31.72 -13.59
C LEU A 52 -29.11 32.13 -12.13
N ILE A 53 -28.07 32.86 -11.70
CA ILE A 53 -28.01 33.31 -10.32
C ILE A 53 -29.16 34.25 -9.99
N PHE A 54 -29.62 35.02 -10.99
CA PHE A 54 -30.75 35.90 -10.75
C PHE A 54 -32.00 35.10 -10.42
N VAL A 55 -32.22 34.00 -11.14
CA VAL A 55 -33.40 33.20 -10.89
C VAL A 55 -33.33 32.58 -9.50
N LEU A 56 -32.17 32.04 -9.12
CA LEU A 56 -32.01 31.42 -7.82
C LEU A 56 -32.32 32.40 -6.68
N THR A 57 -31.59 33.52 -6.61
CA THR A 57 -31.66 34.34 -5.42
C THR A 57 -32.71 35.44 -5.46
N LYS A 58 -33.07 35.94 -6.64
CA LYS A 58 -33.91 37.13 -6.68
C LYS A 58 -35.30 36.92 -7.26
N LEU A 59 -35.51 35.95 -8.15
CA LEU A 59 -36.87 35.73 -8.65
C LEU A 59 -37.67 34.92 -7.63
N LYS A 60 -38.06 35.58 -6.52
CA LYS A 60 -38.80 34.90 -5.45
C LYS A 60 -40.23 34.57 -5.88
N SER A 61 -40.67 35.08 -7.03
CA SER A 61 -41.95 34.69 -7.59
C SER A 61 -41.98 33.20 -7.96
N GLU A 62 -40.93 32.71 -8.60
CA GLU A 62 -40.89 31.35 -9.10
C GLU A 62 -40.81 30.34 -7.95
N ASP A 63 -41.14 29.08 -8.27
CA ASP A 63 -41.18 28.05 -7.25
C ASP A 63 -39.77 27.69 -6.83
N GLU A 64 -39.66 26.84 -5.80
CA GLU A 64 -38.34 26.48 -5.30
C GLU A 64 -37.61 25.53 -6.25
N PRO A 65 -38.25 24.50 -6.81
CA PRO A 65 -37.48 23.58 -7.68
C PRO A 65 -36.89 24.24 -8.93
N THR A 66 -37.54 25.25 -9.49
CA THR A 66 -36.94 25.94 -10.63
C THR A 66 -35.81 26.85 -10.18
N ARG A 67 -35.99 27.57 -9.06
CA ARG A 67 -34.93 28.40 -8.52
C ARG A 67 -33.68 27.57 -8.19
N SER A 68 -33.87 26.41 -7.55
CA SER A 68 -32.67 25.70 -7.11
C SER A 68 -32.02 24.94 -8.26
N LEU A 69 -32.80 24.49 -9.23
CA LEU A 69 -32.20 23.86 -10.41
C LEU A 69 -31.35 24.86 -11.19
N SER A 70 -31.87 26.08 -11.37
CA SER A 70 -31.06 27.15 -11.95
C SER A 70 -29.73 27.32 -11.21
N GLY A 71 -29.78 27.33 -9.88
CA GLY A 71 -28.54 27.41 -9.13
C GLY A 71 -27.63 26.23 -9.33
N LEU A 72 -28.18 25.04 -9.59
CA LEU A 72 -27.32 23.87 -9.73
C LEU A 72 -26.71 23.79 -11.12
N ILE A 73 -27.45 24.24 -12.14
CA ILE A 73 -26.86 24.34 -13.47
C ILE A 73 -25.69 25.32 -13.45
N LEU A 74 -25.88 26.48 -12.80
CA LEU A 74 -24.78 27.43 -12.63
C LEU A 74 -23.61 26.80 -11.89
N LYS A 75 -23.88 26.05 -10.82
CA LYS A 75 -22.81 25.32 -10.13
C LYS A 75 -22.02 24.46 -11.10
N ASN A 76 -22.70 23.81 -12.05
CA ASN A 76 -21.96 22.99 -13.00
C ASN A 76 -21.14 23.84 -13.96
N ASN A 77 -21.67 24.99 -14.36
CA ASN A 77 -20.91 25.91 -15.19
C ASN A 77 -19.67 26.41 -14.47
N VAL A 78 -19.79 26.69 -13.16
CA VAL A 78 -18.62 27.07 -12.39
C VAL A 78 -17.57 25.97 -12.46
N LYS A 79 -17.96 24.73 -12.16
CA LYS A 79 -17.03 23.60 -12.14
C LYS A 79 -16.30 23.41 -13.47
N ALA A 80 -16.89 23.87 -14.58
CA ALA A 80 -16.34 23.66 -15.91
C ALA A 80 -15.72 24.90 -16.53
N HIS A 81 -16.28 26.09 -16.33
CA HIS A 81 -15.93 27.26 -17.14
C HIS A 81 -15.55 28.47 -16.29
N PHE A 82 -15.23 28.28 -15.00
CA PHE A 82 -15.01 29.41 -14.10
C PHE A 82 -13.83 30.25 -14.53
N GLN A 83 -12.76 29.60 -14.99
CA GLN A 83 -11.63 30.21 -15.69
C GLN A 83 -12.09 31.34 -16.59
N ASN A 84 -13.09 31.06 -17.42
CA ASN A 84 -13.56 31.97 -18.47
C ASN A 84 -14.57 33.00 -17.98
N PHE A 85 -14.96 32.96 -16.71
CA PHE A 85 -15.93 33.94 -16.20
C PHE A 85 -15.27 35.32 -16.09
N PRO A 86 -15.90 36.38 -16.57
CA PRO A 86 -15.40 37.72 -16.29
C PRO A 86 -15.66 38.15 -14.86
N ASN A 87 -14.76 38.99 -14.35
CA ASN A 87 -14.71 39.35 -12.94
C ASN A 87 -15.91 40.17 -12.49
N GLY A 88 -16.87 40.38 -13.39
CA GLY A 88 -18.04 41.17 -13.08
C GLY A 88 -19.24 40.28 -12.92
N VAL A 89 -19.25 39.19 -13.70
CA VAL A 89 -20.25 38.15 -13.48
C VAL A 89 -19.96 37.43 -12.17
N THR A 90 -18.69 37.06 -11.98
CA THR A 90 -18.27 36.35 -10.77
C THR A 90 -18.63 37.13 -9.51
N ASP A 91 -18.31 38.43 -9.47
CA ASP A 91 -18.60 39.21 -8.26
C ASP A 91 -20.10 39.30 -8.01
N PHE A 92 -20.91 39.36 -9.07
CA PHE A 92 -22.37 39.39 -8.92
C PHE A 92 -22.89 38.09 -8.30
N ILE A 93 -22.34 36.95 -8.70
CA ILE A 93 -22.75 35.68 -8.12
C ILE A 93 -22.33 35.62 -6.66
N LYS A 94 -21.08 35.98 -6.39
CA LYS A 94 -20.56 35.97 -5.03
C LYS A 94 -21.40 36.82 -4.09
N SER A 95 -21.69 38.06 -4.49
CA SER A 95 -22.46 38.94 -3.62
C SER A 95 -23.85 38.38 -3.34
N GLU A 96 -24.50 37.81 -4.37
CA GLU A 96 -25.85 37.31 -4.19
C GLU A 96 -25.88 36.06 -3.32
N CYS A 97 -24.83 35.24 -3.39
CA CYS A 97 -24.75 34.06 -2.54
C CYS A 97 -24.62 34.43 -1.07
N LEU A 98 -23.57 35.17 -0.72
CA LEU A 98 -23.38 35.63 0.65
C LEU A 98 -24.58 36.41 1.17
N ASN A 99 -25.31 37.11 0.30
CA ASN A 99 -26.45 37.91 0.78
C ASN A 99 -27.72 37.09 0.94
N ASN A 100 -27.69 35.81 0.57
CA ASN A 100 -28.84 34.91 0.70
C ASN A 100 -28.39 33.58 1.29
N ILE A 101 -27.32 33.62 2.11
CA ILE A 101 -26.75 32.44 2.75
C ILE A 101 -27.77 31.75 3.66
N GLY A 102 -28.74 32.50 4.19
CA GLY A 102 -29.69 31.98 5.15
C GLY A 102 -31.16 32.10 4.74
N ASP A 103 -31.46 31.74 3.49
CA ASP A 103 -32.82 31.78 2.99
C ASP A 103 -33.70 30.84 3.80
N SER A 104 -34.99 31.21 3.93
CA SER A 104 -35.95 30.41 4.69
C SER A 104 -36.21 29.05 4.06
N SER A 105 -35.94 28.87 2.78
CA SER A 105 -36.16 27.60 2.12
C SER A 105 -34.96 26.70 2.31
N PRO A 106 -35.12 25.53 2.94
CA PRO A 106 -33.96 24.62 3.07
C PRO A 106 -33.35 24.22 1.75
N LEU A 107 -34.15 24.08 0.69
CA LEU A 107 -33.59 23.67 -0.60
C LEU A 107 -32.80 24.79 -1.24
N ILE A 108 -33.33 26.02 -1.19
CA ILE A 108 -32.58 27.18 -1.66
C ILE A 108 -31.28 27.33 -0.86
N ARG A 109 -31.39 27.28 0.49
CA ARG A 109 -30.21 27.42 1.34
C ARG A 109 -29.15 26.37 1.00
N ALA A 110 -29.57 25.12 0.76
CA ALA A 110 -28.61 24.11 0.33
C ALA A 110 -27.95 24.46 -0.99
N THR A 111 -28.71 25.06 -1.91
CA THR A 111 -28.16 25.37 -3.22
C THR A 111 -27.17 26.54 -3.14
N VAL A 112 -27.51 27.61 -2.40
CA VAL A 112 -26.57 28.71 -2.23
C VAL A 112 -25.25 28.20 -1.66
N GLY A 113 -25.34 27.38 -0.62
CA GLY A 113 -24.13 26.84 -0.03
C GLY A 113 -23.31 26.02 -1.00
N ILE A 114 -23.98 25.26 -1.87
CA ILE A 114 -23.21 24.44 -2.79
C ILE A 114 -22.54 25.32 -3.84
N LEU A 115 -23.15 26.45 -4.17
CA LEU A 115 -22.51 27.45 -5.01
C LEU A 115 -21.25 28.00 -4.34
N ILE A 116 -21.42 28.62 -3.15
CA ILE A 116 -20.32 29.10 -2.32
C ILE A 116 -19.18 28.09 -2.34
N THR A 117 -19.48 26.89 -1.83
CA THR A 117 -18.47 25.86 -1.69
C THR A 117 -17.72 25.62 -2.99
N THR A 118 -18.44 25.63 -4.12
CA THR A 118 -17.80 25.29 -5.39
C THR A 118 -16.96 26.45 -5.93
N ILE A 119 -17.47 27.68 -5.84
CA ILE A 119 -16.63 28.84 -6.15
C ILE A 119 -15.40 28.87 -5.26
N ALA A 120 -15.56 28.58 -3.98
CA ALA A 120 -14.45 28.66 -3.04
C ALA A 120 -13.33 27.71 -3.44
N SER A 121 -13.68 26.47 -3.79
CA SER A 121 -12.68 25.47 -4.14
C SER A 121 -12.16 25.67 -5.56
N LYS A 122 -13.04 25.46 -6.55
CA LYS A 122 -12.71 25.74 -7.93
C LYS A 122 -12.66 27.25 -8.14
N GLY A 123 -11.50 27.78 -8.50
CA GLY A 123 -11.28 29.20 -8.52
C GLY A 123 -10.39 29.68 -7.40
N GLU A 124 -10.32 28.90 -6.31
CA GLU A 124 -9.28 28.99 -5.28
C GLU A 124 -9.50 30.17 -4.35
N LEU A 125 -9.32 29.92 -3.04
CA LEU A 125 -9.70 30.89 -2.02
C LEU A 125 -8.90 32.17 -2.11
N GLN A 126 -7.66 32.11 -2.62
CA GLN A 126 -6.86 33.32 -2.80
C GLN A 126 -7.59 34.39 -3.58
N ASN A 127 -8.56 33.99 -4.41
CA ASN A 127 -9.26 34.89 -5.31
C ASN A 127 -10.60 35.38 -4.76
N TRP A 128 -11.07 34.81 -3.65
CA TRP A 128 -12.22 35.35 -2.92
C TRP A 128 -11.74 35.84 -1.57
N PRO A 129 -11.07 36.99 -1.53
CA PRO A 129 -10.30 37.35 -0.33
C PRO A 129 -11.15 37.54 0.92
N ASP A 130 -12.38 38.05 0.78
CA ASP A 130 -13.18 38.40 1.94
C ASP A 130 -14.24 37.34 2.28
N LEU A 131 -14.21 36.21 1.58
CA LEU A 131 -15.14 35.12 1.90
C LEU A 131 -15.09 34.76 3.38
N LEU A 132 -13.93 34.29 3.85
CA LEU A 132 -13.81 33.86 5.24
C LEU A 132 -14.18 34.95 6.24
N PRO A 133 -13.71 36.19 6.11
CA PRO A 133 -14.18 37.22 7.07
C PRO A 133 -15.69 37.42 7.06
N LYS A 134 -16.32 37.40 5.87
CA LYS A 134 -17.78 37.60 5.82
C LYS A 134 -18.51 36.43 6.44
N LEU A 135 -18.05 35.20 6.15
CA LEU A 135 -18.67 34.03 6.76
C LEU A 135 -18.56 34.08 8.28
N CYS A 136 -17.37 34.45 8.78
CA CYS A 136 -17.17 34.53 10.23
C CYS A 136 -18.05 35.59 10.86
N SER A 137 -18.19 36.73 10.18
CA SER A 137 -19.11 37.76 10.65
C SER A 137 -20.55 37.25 10.64
N LEU A 138 -20.93 36.55 9.57
CA LEU A 138 -22.27 35.99 9.48
C LEU A 138 -22.56 34.99 10.61
N LEU A 139 -21.54 34.35 11.17
CA LEU A 139 -21.76 33.43 12.30
C LEU A 139 -22.40 34.15 13.48
N ASP A 140 -22.06 35.43 13.68
CA ASP A 140 -22.60 36.21 14.79
C ASP A 140 -24.01 36.72 14.53
N SER A 141 -24.61 36.39 13.39
CA SER A 141 -25.89 36.98 13.03
C SER A 141 -26.98 36.59 14.03
N GLU A 142 -28.05 37.40 14.05
CA GLU A 142 -29.26 37.17 14.84
C GLU A 142 -30.12 36.04 14.30
N ASP A 143 -30.26 35.97 12.98
CA ASP A 143 -31.10 34.97 12.36
C ASP A 143 -30.41 33.61 12.40
N TYR A 144 -31.15 32.59 12.82
CA TYR A 144 -30.57 31.27 12.99
C TYR A 144 -30.14 30.67 11.65
N ASN A 145 -30.98 30.82 10.61
CA ASN A 145 -30.69 30.19 9.33
C ASN A 145 -29.42 30.73 8.71
N THR A 146 -29.16 32.03 8.93
CA THR A 146 -27.95 32.62 8.41
C THR A 146 -26.73 32.07 9.12
N CYS A 147 -26.78 32.02 10.45
CA CYS A 147 -25.67 31.45 11.21
C CYS A 147 -25.45 29.99 10.85
N GLU A 148 -26.53 29.20 10.76
CA GLU A 148 -26.39 27.80 10.37
C GLU A 148 -25.84 27.66 8.95
N GLY A 149 -26.32 28.48 8.01
CA GLY A 149 -25.86 28.34 6.63
C GLY A 149 -24.41 28.74 6.45
N ALA A 150 -23.98 29.80 7.14
CA ALA A 150 -22.57 30.20 7.06
C ALA A 150 -21.68 29.14 7.66
N PHE A 151 -22.07 28.60 8.82
CA PHE A 151 -21.26 27.55 9.42
C PHE A 151 -21.24 26.31 8.53
N GLY A 152 -22.38 26.00 7.90
CA GLY A 152 -22.39 24.93 6.91
C GLY A 152 -21.32 25.12 5.86
N ALA A 153 -21.21 26.33 5.32
CA ALA A 153 -20.19 26.62 4.31
C ALA A 153 -18.78 26.49 4.88
N LEU A 154 -18.52 27.12 6.05
CA LEU A 154 -17.19 27.07 6.64
C LEU A 154 -16.75 25.62 6.84
N GLN A 155 -17.70 24.75 7.22
CA GLN A 155 -17.31 23.37 7.44
C GLN A 155 -16.91 22.71 6.14
N LYS A 156 -17.68 22.92 5.07
CA LYS A 156 -17.28 22.36 3.79
C LYS A 156 -15.90 22.88 3.38
N ILE A 157 -15.65 24.17 3.63
CA ILE A 157 -14.40 24.77 3.23
C ILE A 157 -13.25 24.20 4.05
N CYS A 158 -13.44 24.01 5.37
CA CYS A 158 -12.40 23.40 6.19
C CYS A 158 -12.11 21.97 5.78
N GLU A 159 -13.15 21.20 5.43
CA GLU A 159 -12.93 19.84 4.97
C GLU A 159 -12.21 19.79 3.62
N ASP A 160 -12.46 20.79 2.78
CA ASP A 160 -11.92 20.81 1.42
C ASP A 160 -10.56 21.47 1.35
N SER A 161 -10.28 22.45 2.21
CA SER A 161 -9.13 23.31 2.02
C SER A 161 -8.34 23.51 3.31
N ALA A 162 -8.32 22.50 4.18
CA ALA A 162 -7.66 22.69 5.48
C ALA A 162 -6.20 23.05 5.31
N GLU A 163 -5.57 22.50 4.27
CA GLU A 163 -4.17 22.73 3.95
C GLU A 163 -3.84 24.19 3.65
N ILE A 164 -4.83 25.07 3.49
CA ILE A 164 -4.54 26.51 3.57
C ILE A 164 -4.73 26.93 5.03
N LEU A 165 -3.88 26.36 5.87
CA LEU A 165 -3.42 26.96 7.12
C LEU A 165 -2.08 27.62 6.79
N ASP A 166 -2.05 28.95 6.84
CA ASP A 166 -0.90 29.82 6.54
C ASP A 166 -0.76 30.08 5.04
N SER A 167 -0.54 31.35 4.68
CA SER A 167 -0.46 31.93 3.31
C SER A 167 -1.31 31.25 2.23
N LEU A 170 -5.53 32.48 2.38
CA LEU A 170 -5.35 33.90 2.70
C LEU A 170 -4.11 34.10 3.57
N ASP A 171 -4.16 35.04 4.52
CA ASP A 171 -3.03 35.29 5.43
C ASP A 171 -3.47 34.93 6.86
N ARG A 172 -3.09 33.72 7.28
CA ARG A 172 -3.40 33.08 8.56
C ARG A 172 -4.82 33.36 9.02
N PRO A 173 -5.85 32.91 8.29
CA PRO A 173 -7.23 33.10 8.77
C PRO A 173 -7.58 32.24 9.96
N LEU A 174 -7.03 31.02 10.06
CA LEU A 174 -7.33 30.13 11.17
C LEU A 174 -7.04 30.76 12.53
N ASN A 175 -6.18 31.77 12.62
CA ASN A 175 -5.93 32.39 13.91
C ASN A 175 -7.14 33.16 14.44
N ILE A 176 -8.09 33.53 13.58
CA ILE A 176 -9.32 34.17 14.04
C ILE A 176 -10.49 33.20 14.09
N MET A 177 -10.57 32.26 13.14
CA MET A 177 -11.74 31.39 13.10
C MET A 177 -11.73 30.36 14.22
N ILE A 178 -10.64 29.61 14.35
CA ILE A 178 -10.56 28.53 15.35
C ILE A 178 -10.93 29.04 16.77
N PRO A 179 -10.32 30.11 17.27
CA PRO A 179 -10.77 30.63 18.58
C PRO A 179 -12.23 30.99 18.59
N LYS A 180 -12.82 31.32 17.43
CA LYS A 180 -14.23 31.67 17.39
C LYS A 180 -15.12 30.42 17.35
N PHE A 181 -14.74 29.41 16.56
CA PHE A 181 -15.45 28.14 16.60
C PHE A 181 -15.58 27.61 18.03
N LEU A 182 -14.51 27.70 18.82
CA LEU A 182 -14.54 27.17 20.18
C LEU A 182 -15.62 27.85 21.01
N GLN A 183 -16.04 29.05 20.63
CA GLN A 183 -17.07 29.74 21.37
C GLN A 183 -18.47 29.25 21.03
N PHE A 184 -18.65 28.60 19.88
CA PHE A 184 -19.95 28.02 19.55
C PHE A 184 -20.11 26.59 20.03
N PHE A 185 -19.11 26.03 20.74
CA PHE A 185 -19.34 24.74 21.38
C PHE A 185 -20.46 24.84 22.40
N LYS A 186 -20.63 26.02 23.00
CA LYS A 186 -21.69 26.19 23.99
C LYS A 186 -23.01 26.59 23.38
N HIS A 187 -23.10 26.70 22.05
CA HIS A 187 -24.31 27.22 21.42
C HIS A 187 -25.52 26.36 21.75
N SER A 188 -26.68 27.01 21.76
CA SER A 188 -27.91 26.36 22.18
C SER A 188 -28.40 25.34 21.16
N SER A 189 -28.09 25.53 19.89
CA SER A 189 -28.62 24.64 18.86
C SER A 189 -27.67 23.48 18.60
N PRO A 190 -28.11 22.23 18.75
CA PRO A 190 -27.21 21.10 18.48
C PRO A 190 -26.62 21.11 17.08
N LYS A 191 -27.30 21.68 16.10
CA LYS A 191 -26.75 21.66 14.74
C LYS A 191 -25.49 22.50 14.67
N ILE A 192 -25.54 23.72 15.22
CA ILE A 192 -24.37 24.60 15.27
C ILE A 192 -23.23 23.91 16.03
N ARG A 193 -23.53 23.25 17.15
CA ARG A 193 -22.49 22.58 17.91
C ARG A 193 -21.74 21.56 17.05
N SER A 194 -22.47 20.73 16.30
CA SER A 194 -21.81 19.78 15.41
C SER A 194 -20.87 20.52 14.45
N HIS A 195 -21.39 21.53 13.75
CA HIS A 195 -20.55 22.32 12.86
C HIS A 195 -19.29 22.81 13.56
N ALA A 196 -19.42 23.31 14.78
CA ALA A 196 -18.27 23.89 15.48
C ALA A 196 -17.13 22.86 15.64
N VAL A 197 -17.42 21.72 16.26
CA VAL A 197 -16.35 20.73 16.47
C VAL A 197 -16.00 20.00 15.19
N ALA A 198 -16.93 19.93 14.23
CA ALA A 198 -16.55 19.39 12.94
C ALA A 198 -15.46 20.23 12.28
N CYS A 199 -15.62 21.55 12.33
CA CYS A 199 -14.58 22.46 11.82
C CYS A 199 -13.25 22.29 12.54
N VAL A 200 -13.27 22.33 13.88
CA VAL A 200 -12.01 22.26 14.61
C VAL A 200 -11.33 20.92 14.37
N ASN A 201 -12.11 19.84 14.22
CA ASN A 201 -11.52 18.51 14.01
C ASN A 201 -10.61 18.48 12.79
N GLN A 202 -10.82 19.36 11.82
CA GLN A 202 -9.99 19.32 10.63
C GLN A 202 -8.54 19.67 10.93
N PHE A 203 -8.29 20.30 12.07
CA PHE A 203 -6.99 20.92 12.35
C PHE A 203 -6.30 20.31 13.57
N ILE A 204 -6.67 19.08 13.94
CA ILE A 204 -6.04 18.44 15.09
C ILE A 204 -4.74 17.75 14.69
N ILE A 205 -4.81 16.89 13.67
CA ILE A 205 -3.62 16.15 13.25
C ILE A 205 -2.57 17.10 12.68
N SER A 206 -3.00 18.17 11.99
CA SER A 206 -2.09 19.21 11.53
C SER A 206 -1.28 19.86 12.65
N ARG A 207 -1.66 19.65 13.92
CA ARG A 207 -1.19 20.49 15.03
C ARG A 207 -1.18 21.95 14.62
N THR A 208 -2.33 22.43 14.16
CA THR A 208 -2.45 23.83 13.75
C THR A 208 -2.24 24.74 14.95
N GLN A 209 -1.39 25.76 14.77
CA GLN A 209 -0.96 26.57 15.91
C GLN A 209 -2.14 27.23 16.60
N ALA A 210 -3.11 27.74 15.85
CA ALA A 210 -4.26 28.38 16.49
C ALA A 210 -4.97 27.42 17.44
N LEU A 211 -5.10 26.16 17.07
CA LEU A 211 -5.77 25.18 17.93
C LEU A 211 -4.89 24.76 19.10
N MET A 212 -3.60 24.52 18.85
CA MET A 212 -2.73 24.01 19.91
C MET A 212 -2.54 25.01 21.03
N LEU A 213 -2.43 26.29 20.71
CA LEU A 213 -2.39 27.30 21.74
C LEU A 213 -3.72 27.46 22.46
N HIS A 214 -4.78 26.82 21.97
CA HIS A 214 -6.05 26.83 22.68
C HIS A 214 -6.44 25.42 23.13
N ILE A 215 -5.47 24.49 23.18
CA ILE A 215 -5.75 23.07 23.45
C ILE A 215 -6.51 22.88 24.75
N ASP A 216 -6.24 23.74 25.73
CA ASP A 216 -6.91 23.62 27.02
C ASP A 216 -8.38 24.01 26.90
N SER A 217 -8.68 25.18 26.32
CA SER A 217 -10.08 25.52 26.07
C SER A 217 -10.77 24.44 25.25
N PHE A 218 -10.07 23.93 24.23
CA PHE A 218 -10.63 22.87 23.41
C PHE A 218 -11.04 21.68 24.26
N ILE A 219 -10.10 21.18 25.07
CA ILE A 219 -10.37 19.98 25.84
C ILE A 219 -11.48 20.21 26.85
N GLU A 220 -11.48 21.37 27.54
CA GLU A 220 -12.57 21.64 28.49
C GLU A 220 -13.92 21.72 27.78
N ASN A 221 -13.96 22.33 26.60
CA ASN A 221 -15.23 22.39 25.88
C ASN A 221 -15.64 21.01 25.37
N LEU A 222 -14.69 20.14 25.04
CA LEU A 222 -15.06 18.79 24.62
C LEU A 222 -15.71 18.03 25.76
N PHE A 223 -15.07 18.02 26.94
CA PHE A 223 -15.65 17.38 28.10
C PHE A 223 -17.08 17.86 28.36
N ALA A 224 -17.28 19.18 28.35
CA ALA A 224 -18.60 19.77 28.58
C ALA A 224 -19.65 19.26 27.60
N LEU A 225 -19.24 18.67 26.47
CA LEU A 225 -20.13 18.22 25.42
C LEU A 225 -20.33 16.71 25.42
N ALA A 226 -19.69 15.99 26.34
CA ALA A 226 -19.64 14.54 26.22
C ALA A 226 -21.03 13.92 26.32
N GLY A 227 -21.83 14.38 27.28
CA GLY A 227 -23.17 13.84 27.45
C GLY A 227 -24.22 14.36 26.50
N ASP A 228 -23.84 15.03 25.41
CA ASP A 228 -24.84 15.53 24.48
C ASP A 228 -25.65 14.37 23.91
N GLU A 229 -26.97 14.51 23.93
CA GLU A 229 -27.82 13.43 23.44
C GLU A 229 -27.81 13.33 21.92
N GLU A 230 -27.48 14.42 21.21
CA GLU A 230 -27.51 14.39 19.75
C GLU A 230 -26.35 13.54 19.20
N PRO A 231 -26.64 12.49 18.42
CA PRO A 231 -25.57 11.64 17.89
C PRO A 231 -24.45 12.40 17.19
N GLU A 232 -24.78 13.42 16.38
CA GLU A 232 -23.74 14.10 15.62
C GLU A 232 -22.74 14.80 16.53
N VAL A 233 -23.17 15.30 17.68
CA VAL A 233 -22.21 15.86 18.63
C VAL A 233 -21.34 14.76 19.24
N ARG A 234 -21.98 13.76 19.87
CA ARG A 234 -21.24 12.64 20.46
C ARG A 234 -20.23 12.07 19.47
N LYS A 235 -20.67 11.86 18.22
CA LYS A 235 -19.76 11.35 17.21
C LYS A 235 -18.56 12.28 17.02
N ASN A 236 -18.82 13.59 16.89
CA ASN A 236 -17.73 14.50 16.62
C ASN A 236 -16.85 14.70 17.85
N VAL A 237 -17.42 14.60 19.04
CA VAL A 237 -16.61 14.60 20.25
C VAL A 237 -15.71 13.37 20.29
N CYS A 238 -16.26 12.22 19.92
CA CYS A 238 -15.47 10.99 19.86
C CYS A 238 -14.32 11.14 18.86
N ARG A 239 -14.63 11.60 17.63
CA ARG A 239 -13.55 11.84 16.67
C ARG A 239 -12.47 12.72 17.29
N ALA A 240 -12.89 13.83 17.92
CA ALA A 240 -11.92 14.77 18.48
C ALA A 240 -10.98 14.07 19.44
N LEU A 241 -11.53 13.25 20.33
CA LEU A 241 -10.68 12.61 21.33
C LEU A 241 -9.72 11.61 20.71
N VAL A 242 -10.11 10.96 19.60
CA VAL A 242 -9.24 9.96 19.00
C VAL A 242 -8.02 10.63 18.38
N MET A 243 -8.23 11.76 17.70
CA MET A 243 -7.12 12.50 17.11
C MET A 243 -6.26 13.17 18.15
N LEU A 244 -6.88 13.76 19.17
CA LEU A 244 -6.09 14.32 20.25
C LEU A 244 -5.19 13.24 20.84
N LEU A 245 -5.64 12.00 20.80
CA LEU A 245 -4.82 10.90 21.30
C LEU A 245 -3.53 10.76 20.51
N GLU A 246 -3.56 11.06 19.20
CA GLU A 246 -2.41 10.88 18.32
C GLU A 246 -1.36 11.97 18.47
N VAL A 247 -1.74 13.20 18.81
CA VAL A 247 -0.87 14.35 18.69
C VAL A 247 -0.60 15.02 20.03
N ARG A 248 -1.53 14.94 20.98
CA ARG A 248 -1.43 15.71 22.22
C ARG A 248 -1.82 14.84 23.43
N MET A 249 -1.24 13.63 23.43
CA MET A 249 -1.48 12.69 24.52
C MET A 249 -1.09 13.29 25.85
N ASP A 250 -0.08 14.15 25.86
CA ASP A 250 0.35 14.86 27.05
C ASP A 250 -0.83 15.45 27.83
N ARG A 251 -1.68 16.19 27.13
CA ARG A 251 -2.74 16.92 27.81
C ARG A 251 -3.99 16.09 28.07
N LEU A 252 -4.11 14.90 27.48
CA LEU A 252 -5.18 14.01 27.91
C LEU A 252 -4.80 13.14 29.11
N LEU A 253 -3.50 12.90 29.30
CA LEU A 253 -3.02 12.01 30.35
C LEU A 253 -3.66 12.26 31.71
N PRO A 254 -3.72 13.47 32.24
CA PRO A 254 -4.38 13.68 33.53
C PRO A 254 -5.86 13.32 33.56
N HIS A 255 -6.49 13.02 32.42
CA HIS A 255 -7.89 12.65 32.38
C HIS A 255 -8.12 11.27 31.78
N MET A 256 -7.07 10.45 31.67
CA MET A 256 -7.18 9.23 30.88
C MET A 256 -8.23 8.27 31.43
N HIS A 257 -8.35 8.13 32.75
CA HIS A 257 -9.28 7.14 33.32
C HIS A 257 -10.73 7.46 32.94
N ASN A 258 -11.13 8.73 33.06
CA ASN A 258 -12.48 9.10 32.69
C ASN A 258 -12.69 9.02 31.19
N ILE A 259 -11.65 9.30 30.39
CA ILE A 259 -11.78 9.21 28.94
C ILE A 259 -11.98 7.76 28.50
N VAL A 260 -11.16 6.85 29.04
CA VAL A 260 -11.32 5.43 28.72
C VAL A 260 -12.71 4.96 29.13
N GLU A 261 -13.12 5.31 30.34
CA GLU A 261 -14.49 4.99 30.78
C GLU A 261 -15.52 5.52 29.80
N TYR A 262 -15.31 6.73 29.25
CA TYR A 262 -16.28 7.31 28.34
C TYR A 262 -16.30 6.54 27.02
N MET A 263 -15.12 6.41 26.39
CA MET A 263 -15.04 5.71 25.11
C MET A 263 -15.56 4.29 25.20
N LEU A 264 -15.32 3.62 26.33
CA LEU A 264 -15.88 2.28 26.51
C LEU A 264 -17.40 2.30 26.43
N GLN A 265 -18.02 3.27 27.11
CA GLN A 265 -19.48 3.43 26.99
C GLN A 265 -19.89 3.75 25.55
N ARG A 266 -19.18 4.67 24.89
CA ARG A 266 -19.57 5.08 23.54
C ARG A 266 -19.29 3.99 22.51
N THR A 267 -18.33 3.10 22.78
CA THR A 267 -18.12 1.95 21.89
C THR A 267 -19.35 1.06 21.83
N GLN A 268 -20.20 1.11 22.86
CA GLN A 268 -21.47 0.38 22.88
C GLN A 268 -22.67 1.25 22.55
N ASP A 269 -22.45 2.46 22.01
CA ASP A 269 -23.55 3.38 21.77
C ASP A 269 -24.66 2.72 20.95
N GLN A 270 -25.88 3.20 21.13
CA GLN A 270 -26.97 2.65 20.34
C GLN A 270 -26.86 3.07 18.88
N ASP A 271 -26.38 4.29 18.63
CA ASP A 271 -26.11 4.74 17.26
C ASP A 271 -24.83 4.10 16.77
N GLU A 272 -24.91 3.32 15.67
CA GLU A 272 -23.76 2.57 15.21
C GLU A 272 -22.65 3.46 14.66
N ASN A 273 -22.98 4.68 14.19
CA ASN A 273 -21.93 5.58 13.72
C ASN A 273 -21.13 6.16 14.88
N VAL A 274 -21.81 6.52 15.97
CA VAL A 274 -21.08 6.92 17.17
C VAL A 274 -20.12 5.81 17.59
N ALA A 275 -20.64 4.58 17.69
CA ALA A 275 -19.81 3.50 18.20
C ALA A 275 -18.60 3.26 17.31
N LEU A 276 -18.77 3.40 15.99
CA LEU A 276 -17.63 3.17 15.13
C LEU A 276 -16.57 4.24 15.36
N GLU A 277 -16.98 5.50 15.54
CA GLU A 277 -15.98 6.51 15.85
C GLU A 277 -15.32 6.21 17.20
N ALA A 278 -16.12 5.85 18.21
CA ALA A 278 -15.53 5.50 19.50
C ALA A 278 -14.55 4.33 19.37
N CYS A 279 -14.92 3.29 18.62
CA CYS A 279 -14.10 2.09 18.53
C CYS A 279 -12.69 2.40 18.04
N GLU A 280 -12.54 3.42 17.19
CA GLU A 280 -11.24 3.80 16.66
C GLU A 280 -10.26 4.23 17.76
N PHE A 281 -10.77 4.69 18.90
CA PHE A 281 -9.92 5.02 20.04
C PHE A 281 -9.04 3.85 20.43
N TRP A 282 -9.57 2.63 20.40
CA TRP A 282 -8.79 1.48 20.84
C TRP A 282 -7.68 1.18 19.84
N LEU A 283 -8.01 1.24 18.54
CA LEU A 283 -6.96 1.12 17.51
C LEU A 283 -5.84 2.12 17.75
N THR A 284 -6.18 3.38 17.99
CA THR A 284 -5.14 4.39 18.12
C THR A 284 -4.42 4.26 19.45
N LEU A 285 -5.12 3.88 20.51
CA LEU A 285 -4.46 3.77 21.81
C LEU A 285 -3.49 2.60 21.83
N ALA A 286 -3.76 1.55 21.05
CA ALA A 286 -2.89 0.38 21.03
C ALA A 286 -1.49 0.71 20.54
N GLU A 287 -1.36 1.67 19.61
CA GLU A 287 -0.07 2.08 19.10
C GLU A 287 0.80 2.82 20.13
N GLN A 288 0.18 3.46 21.14
CA GLN A 288 0.94 4.25 22.12
C GLN A 288 1.66 3.32 23.10
N PRO A 289 2.87 3.68 23.53
CA PRO A 289 3.56 2.86 24.54
C PRO A 289 2.87 2.85 25.88
N ILE A 290 1.93 3.76 26.10
CA ILE A 290 1.29 3.90 27.40
C ILE A 290 0.10 2.94 27.52
N CYS A 291 -0.15 2.17 26.45
CA CYS A 291 -1.37 1.38 26.33
C CYS A 291 -1.63 0.52 27.56
N LYS A 292 -0.69 -0.39 27.87
CA LYS A 292 -0.91 -1.34 28.97
C LYS A 292 -1.21 -0.63 30.29
N ASP A 293 -0.49 0.46 30.57
CA ASP A 293 -0.74 1.19 31.81
C ASP A 293 -2.13 1.81 31.80
N VAL A 294 -2.54 2.38 30.67
CA VAL A 294 -3.83 3.07 30.63
C VAL A 294 -4.99 2.08 30.76
N LEU A 295 -4.90 0.92 30.13
CA LEU A 295 -6.02 -0.01 30.04
C LEU A 295 -6.09 -0.94 31.24
N VAL A 296 -5.29 -0.69 32.29
CA VAL A 296 -5.15 -1.65 33.38
C VAL A 296 -6.50 -1.93 34.04
N ARG A 297 -7.35 -0.92 34.19
CA ARG A 297 -8.60 -1.12 34.90
C ARG A 297 -9.79 -1.43 33.97
N HIS A 298 -9.62 -1.41 32.65
CA HIS A 298 -10.76 -1.59 31.74
C HIS A 298 -10.61 -2.71 30.73
N LEU A 299 -9.40 -3.22 30.51
CA LEU A 299 -9.23 -4.34 29.58
C LEU A 299 -10.23 -5.48 29.79
N PRO A 300 -10.56 -5.91 31.02
CA PRO A 300 -11.49 -7.05 31.14
C PRO A 300 -12.84 -6.83 30.49
N LYS A 301 -13.34 -5.60 30.45
CA LYS A 301 -14.59 -5.33 29.74
C LYS A 301 -14.38 -5.05 28.27
N LEU A 302 -13.27 -4.38 27.93
CA LEU A 302 -13.04 -4.02 26.54
C LEU A 302 -13.05 -5.25 25.63
N ILE A 303 -12.41 -6.35 26.04
CA ILE A 303 -12.26 -7.53 25.17
C ILE A 303 -13.66 -8.10 24.79
N PRO A 304 -14.55 -8.41 25.74
CA PRO A 304 -15.88 -8.88 25.32
C PRO A 304 -16.67 -7.83 24.57
N VAL A 305 -16.44 -6.54 24.84
CA VAL A 305 -17.12 -5.50 24.08
C VAL A 305 -16.67 -5.53 22.63
N LEU A 306 -15.35 -5.65 22.40
CA LEU A 306 -14.84 -5.76 21.04
C LEU A 306 -15.34 -7.02 20.36
N VAL A 307 -15.27 -8.16 21.06
CA VAL A 307 -15.68 -9.43 20.45
C VAL A 307 -17.16 -9.39 20.07
N ASN A 308 -17.96 -8.71 20.88
CA ASN A 308 -19.39 -8.66 20.61
C ASN A 308 -19.70 -7.84 19.36
N GLY A 309 -18.97 -6.73 19.15
CA GLY A 309 -19.18 -5.92 17.98
C GLY A 309 -18.61 -6.48 16.71
N MET A 310 -18.01 -7.67 16.76
CA MET A 310 -17.42 -8.28 15.58
C MET A 310 -18.43 -9.09 14.79
N LYS A 311 -19.59 -9.35 15.36
CA LYS A 311 -20.64 -10.03 14.61
C LYS A 311 -21.11 -9.16 13.46
N TYR A 312 -21.57 -9.83 12.39
CA TYR A 312 -22.14 -9.13 11.25
C TYR A 312 -23.38 -8.38 11.70
N SER A 313 -23.44 -7.09 11.40
CA SER A 313 -24.71 -6.40 11.62
C SER A 313 -25.80 -7.05 10.78
N ASP A 314 -27.06 -6.80 11.15
CA ASP A 314 -28.15 -7.46 10.44
C ASP A 314 -28.23 -7.04 8.98
N ILE A 315 -27.95 -5.75 8.70
CA ILE A 315 -27.96 -5.27 7.32
C ILE A 315 -26.95 -6.03 6.48
N ASP A 316 -25.72 -6.13 6.98
CA ASP A 316 -24.67 -6.81 6.21
C ASP A 316 -24.99 -8.29 6.05
N ILE A 317 -25.65 -8.90 7.05
CA ILE A 317 -26.04 -10.31 6.94
C ILE A 317 -26.87 -10.52 5.69
N ILE A 318 -27.87 -9.65 5.48
CA ILE A 318 -28.80 -9.78 4.35
C ILE A 318 -28.13 -9.37 3.04
N LEU A 319 -27.37 -8.27 3.06
CA LEU A 319 -26.66 -7.84 1.86
C LEU A 319 -25.71 -8.93 1.36
N LEU A 320 -24.84 -9.42 2.23
CA LEU A 320 -23.77 -10.34 1.86
C LEU A 320 -24.27 -11.77 1.69
N ASP A 350 -15.04 0.08 2.24
CA ASP A 350 -15.98 -0.43 3.22
C ASP A 350 -15.32 -0.62 4.60
N TRP A 351 -15.84 0.08 5.61
CA TRP A 351 -15.22 0.12 6.94
C TRP A 351 -16.32 0.32 7.96
N ASN A 352 -16.41 -0.60 8.91
CA ASN A 352 -17.55 -0.62 9.83
C ASN A 352 -17.09 -1.08 11.20
N LEU A 353 -18.04 -1.11 12.13
CA LEU A 353 -17.71 -1.49 13.51
C LEU A 353 -17.18 -2.91 13.59
N ARG A 354 -17.56 -3.77 12.65
CA ARG A 354 -17.00 -5.12 12.63
C ARG A 354 -15.51 -5.06 12.35
N LYS A 355 -15.13 -4.46 11.23
CA LYS A 355 -13.71 -4.41 10.90
C LYS A 355 -12.92 -3.63 11.94
N CYS A 356 -13.48 -2.53 12.41
CA CYS A 356 -12.74 -1.77 13.40
C CYS A 356 -12.52 -2.56 14.69
N SER A 357 -13.55 -3.25 15.16
CA SER A 357 -13.37 -4.07 16.36
C SER A 357 -12.35 -5.18 16.12
N ALA A 358 -12.42 -5.83 14.96
CA ALA A 358 -11.46 -6.89 14.65
C ALA A 358 -10.03 -6.34 14.61
N ALA A 359 -9.84 -5.21 13.92
CA ALA A 359 -8.52 -4.59 13.85
C ALA A 359 -7.99 -4.29 15.24
N ALA A 360 -8.83 -3.70 16.08
CA ALA A 360 -8.45 -3.42 17.46
C ALA A 360 -8.03 -4.70 18.17
N LEU A 361 -8.78 -5.78 17.98
CA LEU A 361 -8.43 -7.01 18.66
C LEU A 361 -7.12 -7.57 18.14
N ASP A 362 -6.86 -7.36 16.85
CA ASP A 362 -5.58 -7.77 16.27
C ASP A 362 -4.41 -7.05 16.93
N VAL A 363 -4.48 -5.72 17.03
CA VAL A 363 -3.39 -4.94 17.58
C VAL A 363 -3.23 -5.24 19.07
N LEU A 364 -4.34 -5.28 19.80
CA LEU A 364 -4.26 -5.62 21.21
C LEU A 364 -3.60 -6.97 21.41
N ALA A 365 -3.95 -7.97 20.57
CA ALA A 365 -3.31 -9.27 20.70
C ALA A 365 -1.80 -9.17 20.47
N ASN A 366 -1.38 -8.25 19.61
CA ASN A 366 0.04 -8.02 19.42
C ASN A 366 0.67 -7.30 20.60
N VAL A 367 -0.08 -6.44 21.29
CA VAL A 367 0.46 -5.73 22.44
C VAL A 367 0.58 -6.66 23.64
N TYR A 368 -0.49 -7.34 23.98
CA TYR A 368 -0.51 -8.16 25.18
C TYR A 368 0.02 -9.57 24.96
N ARG A 369 0.05 -10.03 23.71
CA ARG A 369 0.55 -11.37 23.36
C ARG A 369 -0.10 -12.39 24.30
N ASP A 370 0.66 -13.26 24.95
CA ASP A 370 0.05 -14.36 25.70
C ASP A 370 -0.80 -13.87 26.88
N GLU A 371 -0.56 -12.65 27.37
CA GLU A 371 -1.39 -12.15 28.48
C GLU A 371 -2.86 -12.03 28.08
N LEU A 372 -3.16 -12.02 26.79
CA LEU A 372 -4.54 -11.85 26.35
C LEU A 372 -5.34 -13.15 26.38
N LEU A 373 -4.67 -14.30 26.33
CA LEU A 373 -5.38 -15.58 26.20
C LEU A 373 -6.42 -15.84 27.28
N PRO A 374 -6.16 -15.61 28.57
CA PRO A 374 -7.21 -15.86 29.57
C PRO A 374 -8.47 -15.02 29.38
N HIS A 375 -8.36 -13.84 28.72
CA HIS A 375 -9.54 -13.04 28.37
C HIS A 375 -10.27 -13.60 27.14
N ILE A 376 -9.54 -14.18 26.21
CA ILE A 376 -10.10 -14.54 24.92
C ILE A 376 -10.66 -15.97 24.93
N LEU A 377 -9.96 -16.88 25.60
CA LEU A 377 -10.32 -18.30 25.53
C LEU A 377 -11.73 -18.60 26.03
N PRO A 378 -12.21 -18.05 27.15
CA PRO A 378 -13.62 -18.31 27.50
C PRO A 378 -14.57 -17.86 26.41
N LEU A 379 -14.37 -16.66 25.86
CA LEU A 379 -15.18 -16.23 24.73
C LEU A 379 -15.08 -17.20 23.57
N LEU A 380 -13.85 -17.59 23.19
CA LEU A 380 -13.67 -18.52 22.08
C LEU A 380 -14.43 -19.82 22.33
N LYS A 381 -14.38 -20.34 23.56
CA LYS A 381 -15.10 -21.56 23.88
C LYS A 381 -16.60 -21.39 23.67
N GLU A 382 -17.14 -20.23 24.02
CA GLU A 382 -18.57 -20.01 23.89
C GLU A 382 -18.97 -19.69 22.45
N LEU A 383 -18.03 -19.31 21.57
CA LEU A 383 -18.36 -18.89 20.21
C LEU A 383 -18.03 -19.90 19.11
N LEU A 384 -16.89 -20.59 19.20
CA LEU A 384 -16.44 -21.43 18.10
C LEU A 384 -17.34 -22.64 17.84
N PHE A 385 -18.16 -23.04 18.80
CA PHE A 385 -19.01 -24.22 18.65
C PHE A 385 -20.50 -23.88 18.76
N HIS A 386 -20.84 -22.61 18.83
CA HIS A 386 -22.23 -22.17 18.98
C HIS A 386 -23.12 -22.74 17.88
N HIS A 387 -24.41 -22.84 18.18
CA HIS A 387 -25.40 -23.37 17.25
C HIS A 387 -25.82 -22.35 16.19
N GLU A 388 -25.71 -21.06 16.50
CA GLU A 388 -26.14 -19.99 15.61
C GLU A 388 -24.97 -19.52 14.76
N TRP A 389 -25.10 -19.63 13.44
CA TRP A 389 -23.94 -19.42 12.57
C TRP A 389 -23.36 -18.01 12.70
N VAL A 390 -24.19 -16.98 12.95
CA VAL A 390 -23.60 -15.64 13.04
C VAL A 390 -22.63 -15.57 14.21
N VAL A 391 -22.98 -16.21 15.32
CA VAL A 391 -22.11 -16.21 16.50
C VAL A 391 -20.84 -16.99 16.20
N LYS A 392 -20.99 -18.20 15.66
CA LYS A 392 -19.83 -19.04 15.35
C LYS A 392 -18.88 -18.35 14.38
N GLU A 393 -19.43 -17.73 13.33
CA GLU A 393 -18.62 -16.97 12.40
C GLU A 393 -17.74 -15.96 13.13
N SER A 394 -18.33 -15.19 14.03
CA SER A 394 -17.54 -14.19 14.73
C SER A 394 -16.46 -14.86 15.57
N GLY A 395 -16.76 -16.05 16.11
CA GLY A 395 -15.74 -16.79 16.83
C GLY A 395 -14.53 -17.10 15.95
N ILE A 396 -14.79 -17.57 14.72
CA ILE A 396 -13.70 -17.91 13.82
C ILE A 396 -12.89 -16.68 13.45
N LEU A 397 -13.55 -15.54 13.33
CA LEU A 397 -12.83 -14.31 13.00
C LEU A 397 -11.95 -13.88 14.17
N VAL A 398 -12.48 -13.95 15.41
CA VAL A 398 -11.64 -13.71 16.60
C VAL A 398 -10.39 -14.59 16.54
N LEU A 399 -10.58 -15.87 16.23
CA LEU A 399 -9.49 -16.83 16.19
C LEU A 399 -8.40 -16.39 15.20
N GLY A 400 -8.79 -15.89 14.02
CA GLY A 400 -7.79 -15.42 13.07
C GLY A 400 -7.19 -14.09 13.49
N ALA A 401 -8.00 -13.19 14.06
CA ALA A 401 -7.52 -11.85 14.39
C ALA A 401 -6.40 -11.90 15.43
N ILE A 402 -6.51 -12.79 16.42
CA ILE A 402 -5.51 -12.87 17.47
C ILE A 402 -4.30 -13.71 17.09
N ALA A 403 -4.29 -14.31 15.90
CA ALA A 403 -3.32 -15.35 15.56
C ALA A 403 -1.87 -14.83 15.71
N GLU A 404 -1.59 -13.63 15.23
CA GLU A 404 -0.18 -13.22 15.17
C GLU A 404 0.36 -12.83 16.54
N GLY A 405 -0.44 -12.10 17.32
CA GLY A 405 0.03 -11.76 18.63
C GLY A 405 0.02 -12.92 19.60
N CYS A 406 -0.99 -13.78 19.50
CA CYS A 406 -1.17 -14.86 20.47
C CYS A 406 -0.73 -16.21 19.94
N MET A 407 0.11 -16.24 18.90
CA MET A 407 0.44 -17.49 18.24
C MET A 407 1.09 -18.46 19.21
N GLN A 408 2.14 -18.02 19.91
CA GLN A 408 2.82 -18.94 20.83
C GLN A 408 1.84 -19.51 21.83
N GLY A 409 1.02 -18.65 22.43
CA GLY A 409 0.11 -19.11 23.47
C GLY A 409 -0.94 -20.06 22.98
N MET A 410 -1.19 -20.11 21.68
CA MET A 410 -2.28 -20.95 21.22
C MET A 410 -1.81 -22.21 20.52
N ILE A 411 -0.51 -22.41 20.38
CA ILE A 411 0.03 -23.67 19.91
C ILE A 411 -0.63 -24.85 20.62
N PRO A 412 -0.79 -24.84 21.94
CA PRO A 412 -1.39 -26.03 22.59
C PRO A 412 -2.79 -26.36 22.10
N TYR A 413 -3.59 -25.36 21.70
CA TYR A 413 -4.96 -25.58 21.27
C TYR A 413 -5.09 -25.88 19.78
N LEU A 414 -4.02 -25.68 19.00
CA LEU A 414 -4.19 -25.87 17.56
C LEU A 414 -4.46 -27.33 17.18
N PRO A 415 -3.85 -28.36 17.84
CA PRO A 415 -4.18 -29.75 17.45
C PRO A 415 -5.65 -30.06 17.50
N GLU A 416 -6.43 -29.30 18.28
CA GLU A 416 -7.88 -29.48 18.27
C GLU A 416 -8.58 -28.49 17.34
N LEU A 417 -8.13 -27.23 17.32
CA LEU A 417 -8.81 -26.20 16.54
C LEU A 417 -8.64 -26.40 15.04
N ILE A 418 -7.45 -26.74 14.56
CA ILE A 418 -7.18 -26.84 13.13
C ILE A 418 -8.06 -27.96 12.48
N PRO A 419 -8.12 -29.16 13.04
CA PRO A 419 -9.08 -30.14 12.47
C PRO A 419 -10.51 -29.65 12.54
N HIS A 420 -10.84 -28.82 13.53
CA HIS A 420 -12.19 -28.28 13.60
C HIS A 420 -12.44 -27.33 12.43
N LEU A 421 -11.50 -26.38 12.20
CA LEU A 421 -11.68 -25.44 11.10
C LEU A 421 -11.76 -26.17 9.76
N ILE A 422 -10.91 -27.18 9.55
CA ILE A 422 -10.99 -27.96 8.31
C ILE A 422 -12.39 -28.56 8.14
N GLN A 423 -13.04 -28.92 9.25
CA GLN A 423 -14.41 -29.40 9.13
C GLN A 423 -15.36 -28.25 8.76
N CYS A 424 -15.10 -27.03 9.27
CA CYS A 424 -15.96 -25.90 8.95
C CYS A 424 -15.88 -25.51 7.48
N LEU A 425 -14.75 -25.78 6.81
CA LEU A 425 -14.68 -25.49 5.37
C LEU A 425 -15.82 -26.14 4.58
N SER A 426 -16.45 -27.17 5.14
CA SER A 426 -17.60 -27.80 4.52
C SER A 426 -18.91 -27.37 5.16
N ASP A 427 -18.88 -26.36 6.03
CA ASP A 427 -20.12 -25.90 6.67
C ASP A 427 -21.10 -25.42 5.61
N LYS A 428 -22.39 -25.50 5.95
CA LYS A 428 -23.47 -25.22 5.02
C LYS A 428 -23.61 -23.73 4.69
N LYS A 429 -23.13 -22.81 5.52
CA LYS A 429 -23.34 -21.39 5.26
C LYS A 429 -22.07 -20.75 4.69
N ALA A 430 -22.22 -20.02 3.60
CA ALA A 430 -21.06 -19.57 2.85
C ALA A 430 -20.17 -18.66 3.69
N LEU A 431 -20.78 -17.77 4.49
CA LEU A 431 -19.93 -16.84 5.24
C LEU A 431 -19.09 -17.55 6.30
N VAL A 432 -19.54 -18.71 6.80
CA VAL A 432 -18.68 -19.49 7.69
C VAL A 432 -17.54 -20.11 6.90
N ARG A 433 -17.84 -20.62 5.69
CA ARG A 433 -16.77 -21.16 4.86
C ARG A 433 -15.72 -20.09 4.56
N SER A 434 -16.14 -18.87 4.24
CA SER A 434 -15.14 -17.93 3.77
C SER A 434 -14.25 -17.42 4.89
N ILE A 435 -14.81 -17.19 6.09
CA ILE A 435 -13.96 -16.74 7.20
C ILE A 435 -13.06 -17.88 7.65
N THR A 436 -13.50 -19.13 7.49
CA THR A 436 -12.63 -20.22 7.90
C THR A 436 -11.42 -20.34 6.99
N CYS A 437 -11.61 -20.04 5.71
CA CYS A 437 -10.47 -20.01 4.79
C CYS A 437 -9.45 -19.01 5.30
N TRP A 438 -9.91 -17.81 5.68
CA TRP A 438 -8.99 -16.79 6.16
C TRP A 438 -8.23 -17.24 7.40
N THR A 439 -8.94 -17.69 8.46
CA THR A 439 -8.21 -17.89 9.71
C THR A 439 -7.34 -19.13 9.65
N LEU A 440 -7.72 -20.15 8.88
CA LEU A 440 -6.75 -21.21 8.57
C LEU A 440 -5.47 -20.64 7.97
N SER A 441 -5.63 -19.72 7.02
CA SER A 441 -4.47 -19.06 6.42
C SER A 441 -3.59 -18.40 7.47
N ARG A 442 -4.22 -17.76 8.47
CA ARG A 442 -3.45 -17.15 9.56
C ARG A 442 -2.72 -18.19 10.42
N TYR A 443 -2.96 -19.48 10.24
CA TYR A 443 -2.21 -20.50 10.97
C TYR A 443 -1.38 -21.38 10.03
N ALA A 444 -1.04 -20.84 8.85
CA ALA A 444 -0.42 -21.67 7.82
C ALA A 444 0.96 -22.14 8.24
N HIS A 445 1.70 -21.28 8.94
CA HIS A 445 3.07 -21.65 9.29
C HIS A 445 3.10 -22.79 10.30
N TRP A 446 2.15 -22.80 11.24
CA TRP A 446 2.11 -23.93 12.15
C TRP A 446 1.77 -25.19 11.39
N VAL A 447 0.86 -25.10 10.42
CA VAL A 447 0.43 -26.28 9.68
C VAL A 447 1.59 -26.87 8.89
N VAL A 448 2.35 -26.02 8.18
CA VAL A 448 3.45 -26.58 7.38
C VAL A 448 4.50 -27.18 8.29
N SER A 449 4.66 -26.66 9.52
CA SER A 449 5.66 -27.19 10.45
C SER A 449 5.35 -28.59 10.96
N GLN A 450 4.08 -29.02 10.93
CA GLN A 450 3.70 -30.35 11.40
C GLN A 450 3.86 -31.36 10.27
N PRO A 451 3.85 -32.66 10.60
CA PRO A 451 3.88 -33.73 9.56
C PRO A 451 2.82 -33.52 8.50
N PRO A 452 3.22 -33.54 7.21
CA PRO A 452 2.29 -33.13 6.14
C PRO A 452 1.01 -33.95 6.06
N ASP A 453 1.03 -35.23 6.43
CA ASP A 453 -0.19 -36.01 6.33
C ASP A 453 -1.23 -35.62 7.38
N THR A 454 -0.80 -34.97 8.45
CA THR A 454 -1.71 -34.76 9.57
C THR A 454 -2.63 -33.56 9.33
N TYR A 455 -2.05 -32.40 9.03
CA TYR A 455 -2.83 -31.19 8.81
C TYR A 455 -2.70 -30.65 7.39
N LEU A 456 -1.48 -30.56 6.85
CA LEU A 456 -1.28 -29.94 5.54
C LEU A 456 -2.07 -30.67 4.45
N LYS A 457 -1.97 -31.99 4.38
CA LYS A 457 -2.63 -32.73 3.31
C LYS A 457 -4.13 -32.50 3.30
N PRO A 458 -4.87 -32.74 4.40
CA PRO A 458 -6.33 -32.49 4.35
C PRO A 458 -6.68 -31.03 4.12
N LEU A 459 -5.98 -30.10 4.78
CA LEU A 459 -6.24 -28.68 4.56
C LEU A 459 -6.19 -28.33 3.08
N MET A 460 -5.10 -28.70 2.41
CA MET A 460 -4.96 -28.39 1.00
C MET A 460 -6.06 -29.06 0.18
N THR A 461 -6.37 -30.32 0.48
CA THR A 461 -7.44 -31.00 -0.23
C THR A 461 -8.75 -30.22 -0.15
N GLU A 462 -9.14 -29.79 1.05
CA GLU A 462 -10.43 -29.14 1.18
C GLU A 462 -10.38 -27.68 0.82
N LEU A 463 -9.19 -27.06 0.82
CA LEU A 463 -9.06 -25.74 0.24
C LEU A 463 -9.23 -25.79 -1.26
N LEU A 464 -8.66 -26.80 -1.91
CA LEU A 464 -8.82 -26.90 -3.35
C LEU A 464 -10.30 -27.12 -3.71
N LYS A 465 -10.99 -28.00 -2.98
CA LYS A 465 -12.43 -28.17 -3.24
C LYS A 465 -13.14 -26.84 -3.10
N ARG A 466 -12.78 -26.07 -2.06
CA ARG A 466 -13.39 -24.78 -1.80
C ARG A 466 -13.12 -23.76 -2.91
N ILE A 467 -11.95 -23.84 -3.58
CA ILE A 467 -11.67 -22.99 -4.74
C ILE A 467 -12.84 -23.00 -5.72
N LEU A 468 -13.45 -24.17 -5.90
CA LEU A 468 -14.56 -24.35 -6.84
C LEU A 468 -15.93 -24.20 -6.17
N ASP A 469 -15.99 -23.50 -5.04
CA ASP A 469 -17.27 -23.23 -4.40
C ASP A 469 -18.19 -22.51 -5.38
N SER A 470 -19.48 -22.62 -5.15
CA SER A 470 -20.43 -21.92 -6.02
C SER A 470 -20.64 -20.48 -5.61
N ASN A 471 -20.27 -20.11 -4.39
CA ASN A 471 -20.47 -18.76 -3.87
C ASN A 471 -19.23 -17.91 -4.11
N LYS A 472 -19.44 -16.73 -4.72
CA LYS A 472 -18.32 -15.94 -5.19
C LYS A 472 -17.44 -15.47 -4.02
N ARG A 473 -18.03 -15.20 -2.85
CA ARG A 473 -17.24 -14.75 -1.71
C ARG A 473 -16.35 -15.86 -1.16
N VAL A 474 -16.79 -17.11 -1.29
CA VAL A 474 -15.95 -18.22 -0.85
C VAL A 474 -14.79 -18.42 -1.81
N GLN A 475 -15.07 -18.41 -3.13
CA GLN A 475 -14.01 -18.53 -4.12
C GLN A 475 -12.85 -17.59 -3.79
N GLU A 476 -13.17 -16.32 -3.59
CA GLU A 476 -12.15 -15.32 -3.35
C GLU A 476 -11.43 -15.58 -2.03
N ALA A 477 -12.16 -15.97 -0.98
CA ALA A 477 -11.50 -16.31 0.29
C ALA A 477 -10.61 -17.54 0.14
N ALA A 478 -11.08 -18.57 -0.57
CA ALA A 478 -10.34 -19.83 -0.60
C ALA A 478 -9.10 -19.68 -1.47
N CYS A 479 -9.26 -18.94 -2.57
CA CYS A 479 -8.15 -18.63 -3.46
C CYS A 479 -7.08 -17.84 -2.72
N SER A 480 -7.47 -16.78 -2.00
CA SER A 480 -6.51 -15.99 -1.24
C SER A 480 -5.83 -16.82 -0.16
N ALA A 481 -6.61 -17.60 0.60
CA ALA A 481 -6.02 -18.49 1.60
C ALA A 481 -5.03 -19.42 0.96
N PHE A 482 -5.41 -20.02 -0.17
CA PHE A 482 -4.51 -20.96 -0.80
C PHE A 482 -3.21 -20.29 -1.24
N ALA A 483 -3.30 -19.07 -1.75
CA ALA A 483 -2.08 -18.34 -2.06
C ALA A 483 -1.20 -18.23 -0.82
N THR A 484 -1.80 -17.84 0.31
CA THR A 484 -1.06 -17.72 1.56
C THR A 484 -0.41 -19.03 1.92
N LEU A 485 -1.13 -20.13 1.75
CA LEU A 485 -0.57 -21.43 2.07
C LEU A 485 0.58 -21.79 1.13
N GLU A 486 0.43 -21.49 -0.16
CA GLU A 486 1.49 -21.77 -1.12
C GLU A 486 2.79 -21.10 -0.71
N GLU A 487 2.71 -19.80 -0.33
CA GLU A 487 3.91 -19.07 0.09
C GLU A 487 4.59 -19.75 1.28
N GLU A 488 3.81 -20.28 2.22
CA GLU A 488 4.42 -20.90 3.40
C GLU A 488 4.99 -22.27 3.09
N ALA A 489 4.33 -23.04 2.21
CA ALA A 489 4.71 -24.44 2.01
C ALA A 489 5.87 -24.61 1.05
N CYS A 490 5.97 -23.76 0.04
CA CYS A 490 7.02 -23.84 -1.01
C CYS A 490 7.03 -25.25 -1.58
N THR A 491 8.17 -25.95 -1.56
CA THR A 491 8.31 -27.21 -2.28
C THR A 491 7.50 -28.34 -1.68
N GLU A 492 6.95 -28.16 -0.48
CA GLU A 492 6.05 -29.16 0.12
C GLU A 492 4.83 -29.46 -0.74
N LEU A 493 4.54 -28.62 -1.76
CA LEU A 493 3.38 -28.80 -2.62
C LEU A 493 3.69 -29.62 -3.86
N VAL A 494 4.96 -29.86 -4.14
CA VAL A 494 5.35 -30.52 -5.39
C VAL A 494 4.63 -31.85 -5.57
N PRO A 495 4.48 -32.68 -4.54
CA PRO A 495 3.70 -33.92 -4.72
C PRO A 495 2.25 -33.68 -5.14
N TYR A 496 1.70 -32.49 -4.86
CA TYR A 496 0.31 -32.18 -5.17
C TYR A 496 0.17 -31.34 -6.44
N LEU A 497 1.29 -31.09 -7.14
CA LEU A 497 1.34 -30.12 -8.23
C LEU A 497 0.25 -30.37 -9.26
N ALA A 498 0.07 -31.62 -9.68
CA ALA A 498 -0.88 -31.91 -10.73
C ALA A 498 -2.31 -31.61 -10.30
N TYR A 499 -2.66 -31.93 -9.05
CA TYR A 499 -4.03 -31.70 -8.58
C TYR A 499 -4.27 -30.22 -8.37
N ILE A 500 -3.26 -29.48 -7.93
CA ILE A 500 -3.41 -28.04 -7.80
C ILE A 500 -3.66 -27.42 -9.16
N LEU A 501 -2.87 -27.80 -10.15
CA LEU A 501 -3.02 -27.20 -11.46
C LEU A 501 -4.35 -27.58 -12.11
N ASP A 502 -4.86 -28.80 -11.82
CA ASP A 502 -6.18 -29.16 -12.29
C ASP A 502 -7.24 -28.21 -11.73
N THR A 503 -7.16 -27.91 -10.42
CA THR A 503 -8.12 -27.00 -9.82
C THR A 503 -7.91 -25.57 -10.31
N LEU A 504 -6.66 -25.10 -10.34
CA LEU A 504 -6.45 -23.70 -10.69
C LEU A 504 -6.90 -23.42 -12.12
N VAL A 505 -6.55 -24.30 -13.05
CA VAL A 505 -6.91 -24.10 -14.44
C VAL A 505 -8.41 -24.17 -14.63
N PHE A 506 -9.08 -25.12 -13.95
CA PHE A 506 -10.53 -25.22 -14.08
C PHE A 506 -11.20 -23.90 -13.67
N ALA A 507 -10.70 -23.25 -12.62
CA ALA A 507 -11.31 -22.03 -12.13
C ALA A 507 -11.44 -20.96 -13.21
N PHE A 508 -10.58 -21.00 -14.25
CA PHE A 508 -10.73 -20.05 -15.36
C PHE A 508 -12.11 -20.09 -16.00
N SER A 509 -12.77 -21.24 -15.98
CA SER A 509 -14.09 -21.33 -16.58
C SER A 509 -15.18 -20.78 -15.66
N LYS A 510 -14.99 -20.87 -14.33
CA LYS A 510 -16.01 -20.48 -13.37
C LYS A 510 -15.81 -19.05 -12.87
N TYR A 511 -14.57 -18.58 -12.83
CA TYR A 511 -14.28 -17.24 -12.32
C TYR A 511 -14.48 -16.21 -13.42
N GLN A 512 -14.97 -15.03 -13.04
CA GLN A 512 -14.89 -13.90 -13.97
C GLN A 512 -14.57 -12.62 -13.24
N HIS A 513 -13.74 -11.81 -13.89
CA HIS A 513 -13.17 -10.55 -13.41
C HIS A 513 -12.66 -10.57 -11.97
N LYS A 514 -13.56 -10.40 -10.99
CA LYS A 514 -13.11 -10.00 -9.67
C LYS A 514 -12.19 -11.05 -9.01
N ASN A 515 -12.43 -12.35 -9.25
CA ASN A 515 -11.58 -13.39 -8.68
C ASN A 515 -10.55 -13.94 -9.65
N LEU A 516 -10.70 -13.70 -10.95
CA LEU A 516 -9.60 -13.99 -11.85
C LEU A 516 -8.33 -13.32 -11.35
N LEU A 517 -8.45 -12.10 -10.84
CA LEU A 517 -7.28 -11.40 -10.33
C LEU A 517 -6.66 -12.22 -9.21
N ILE A 518 -7.48 -12.64 -8.24
CA ILE A 518 -6.98 -13.47 -7.15
C ILE A 518 -6.41 -14.75 -7.71
N LEU A 519 -7.04 -15.29 -8.77
CA LEU A 519 -6.62 -16.54 -9.38
C LEU A 519 -5.25 -16.39 -10.05
N TYR A 520 -5.02 -15.29 -10.77
CA TYR A 520 -3.70 -15.03 -11.34
C TYR A 520 -2.66 -15.02 -10.24
N ASP A 521 -2.97 -14.37 -9.12
CA ASP A 521 -2.00 -14.27 -8.03
C ASP A 521 -1.72 -15.64 -7.43
N ALA A 522 -2.75 -16.49 -7.33
CA ALA A 522 -2.52 -17.87 -6.85
C ALA A 522 -1.63 -18.65 -7.80
N ILE A 523 -1.77 -18.44 -9.12
CA ILE A 523 -0.91 -19.09 -10.10
C ILE A 523 0.50 -18.52 -10.05
N GLY A 524 0.61 -17.20 -9.90
CA GLY A 524 1.94 -16.60 -9.77
C GLY A 524 2.67 -17.14 -8.55
N THR A 525 1.96 -17.22 -7.42
CA THR A 525 2.60 -17.73 -6.21
C THR A 525 2.99 -19.20 -6.37
N LEU A 526 2.12 -19.99 -6.97
CA LEU A 526 2.43 -21.39 -7.22
C LEU A 526 3.73 -21.52 -7.99
N ALA A 527 3.91 -20.66 -9.00
CA ALA A 527 5.11 -20.72 -9.83
C ALA A 527 6.35 -20.30 -9.05
N ASP A 528 6.20 -19.31 -8.16
CA ASP A 528 7.34 -18.92 -7.34
C ASP A 528 7.69 -20.00 -6.33
N SER A 529 6.70 -20.81 -5.92
CA SER A 529 6.90 -21.74 -4.81
C SER A 529 7.53 -23.04 -5.25
N VAL A 530 7.10 -23.59 -6.40
CA VAL A 530 7.63 -24.86 -6.90
C VAL A 530 8.64 -24.66 -8.03
N GLY A 531 8.86 -23.43 -8.49
CA GLY A 531 9.90 -23.13 -9.45
C GLY A 531 9.92 -24.06 -10.65
N HIS A 532 11.08 -24.67 -10.91
CA HIS A 532 11.26 -25.36 -12.18
C HIS A 532 10.41 -26.61 -12.31
N HIS A 533 9.93 -27.18 -11.21
CA HIS A 533 9.06 -28.34 -11.30
C HIS A 533 7.87 -28.07 -12.21
N LEU A 534 7.50 -26.81 -12.39
CA LEU A 534 6.40 -26.46 -13.28
C LEU A 534 6.69 -26.80 -14.73
N ASN A 535 7.97 -26.91 -15.10
CA ASN A 535 8.43 -27.02 -16.50
C ASN A 535 8.28 -28.47 -16.96
N LYS A 536 7.05 -28.87 -17.24
CA LYS A 536 6.76 -30.17 -17.81
C LYS A 536 5.62 -29.98 -18.79
N PRO A 537 5.70 -30.62 -19.97
CA PRO A 537 4.72 -30.35 -21.04
C PRO A 537 3.26 -30.43 -20.62
N GLU A 538 2.87 -31.46 -19.86
CA GLU A 538 1.48 -31.61 -19.44
C GLU A 538 0.96 -30.34 -18.77
N TYR A 539 1.77 -29.77 -17.87
CA TYR A 539 1.40 -28.55 -17.17
C TYR A 539 1.32 -27.35 -18.11
N ILE A 540 2.33 -27.16 -18.97
CA ILE A 540 2.42 -25.97 -19.80
C ILE A 540 1.19 -25.88 -20.71
N GLN A 541 0.83 -26.99 -21.36
CA GLN A 541 -0.30 -26.99 -22.30
C GLN A 541 -1.63 -26.94 -21.59
N MET A 542 -1.66 -27.31 -20.33
CA MET A 542 -2.89 -27.12 -19.56
C MET A 542 -3.07 -25.67 -19.12
N LEU A 543 -1.96 -25.01 -18.74
CA LEU A 543 -2.02 -23.68 -18.13
C LEU A 543 -1.96 -22.55 -19.14
N MET A 544 -1.07 -22.60 -20.16
CA MET A 544 -0.92 -21.40 -20.99
C MET A 544 -2.16 -21.00 -21.81
N PRO A 545 -2.84 -21.92 -22.46
CA PRO A 545 -3.96 -21.51 -23.35
C PRO A 545 -4.91 -20.55 -22.67
N PRO A 546 -5.45 -20.86 -21.48
CA PRO A 546 -6.37 -19.87 -20.87
C PRO A 546 -5.67 -18.60 -20.44
N LEU A 547 -4.36 -18.64 -20.12
CA LEU A 547 -3.64 -17.43 -19.78
C LEU A 547 -3.50 -16.52 -21.00
N ILE A 548 -3.20 -17.11 -22.15
CA ILE A 548 -3.05 -16.30 -23.36
C ILE A 548 -4.41 -15.79 -23.83
N GLN A 549 -5.46 -16.58 -23.65
CA GLN A 549 -6.80 -16.13 -24.05
C GLN A 549 -7.22 -14.89 -23.28
N LYS A 550 -7.00 -14.87 -21.96
CA LYS A 550 -7.30 -13.66 -21.20
C LYS A 550 -6.31 -12.55 -21.50
N TRP A 551 -5.13 -12.90 -22.02
CA TRP A 551 -4.14 -11.90 -22.41
C TRP A 551 -4.59 -11.16 -23.66
N ASN A 552 -5.00 -11.91 -24.70
CA ASN A 552 -5.49 -11.33 -25.94
C ASN A 552 -6.77 -10.51 -25.74
N MET A 553 -7.54 -10.84 -24.71
CA MET A 553 -8.79 -10.15 -24.41
C MET A 553 -8.54 -8.76 -23.84
N LEU A 554 -7.55 -8.62 -22.95
CA LEU A 554 -7.31 -7.36 -22.25
C LEU A 554 -6.63 -6.36 -23.18
N LYS A 555 -6.94 -5.07 -22.98
CA LYS A 555 -6.29 -4.03 -23.75
C LYS A 555 -5.33 -3.24 -22.88
N ASP A 556 -4.44 -2.49 -23.55
CA ASP A 556 -3.26 -1.89 -22.92
C ASP A 556 -3.60 -0.83 -21.88
N GLU A 557 -4.87 -0.46 -21.75
CA GLU A 557 -5.29 0.51 -20.76
C GLU A 557 -5.97 -0.14 -19.55
N ASP A 558 -6.16 -1.46 -19.57
CA ASP A 558 -6.91 -2.16 -18.54
C ASP A 558 -6.01 -2.51 -17.36
N LYS A 559 -6.36 -2.03 -16.16
CA LYS A 559 -5.52 -2.28 -14.99
C LYS A 559 -5.50 -3.75 -14.58
N ASP A 560 -6.42 -4.57 -15.10
CA ASP A 560 -6.35 -6.00 -14.88
C ASP A 560 -5.05 -6.62 -15.39
N LEU A 561 -4.29 -5.88 -16.21
CA LEU A 561 -3.01 -6.40 -16.66
C LEU A 561 -2.04 -6.57 -15.50
N PHE A 562 -2.18 -5.78 -14.44
CA PHE A 562 -1.18 -5.84 -13.37
C PHE A 562 -1.05 -7.25 -12.80
N PRO A 563 -2.11 -7.88 -12.29
CA PRO A 563 -1.95 -9.25 -11.78
C PRO A 563 -1.59 -10.25 -12.86
N LEU A 564 -2.11 -10.06 -14.08
CA LEU A 564 -1.84 -11.00 -15.15
C LEU A 564 -0.36 -10.99 -15.51
N LEU A 565 0.22 -9.79 -15.68
CA LEU A 565 1.62 -9.72 -16.07
C LEU A 565 2.54 -10.11 -14.92
N GLU A 566 2.21 -9.71 -13.69
CA GLU A 566 2.97 -10.19 -12.54
C GLU A 566 2.86 -11.70 -12.43
N CYS A 567 1.72 -12.28 -12.83
CA CYS A 567 1.61 -13.72 -12.84
C CYS A 567 2.50 -14.31 -13.93
N LEU A 568 2.45 -13.74 -15.13
CA LEU A 568 3.24 -14.28 -16.23
C LEU A 568 4.73 -14.15 -15.96
N SER A 569 5.12 -13.09 -15.25
CA SER A 569 6.51 -12.92 -14.88
C SER A 569 6.98 -14.11 -14.04
N SER A 570 6.19 -14.49 -13.05
CA SER A 570 6.53 -15.64 -12.23
C SER A 570 6.47 -16.94 -13.03
N VAL A 571 5.45 -17.09 -13.90
CA VAL A 571 5.37 -18.29 -14.72
C VAL A 571 6.57 -18.39 -15.65
N ALA A 572 7.02 -17.27 -16.21
CA ALA A 572 8.14 -17.34 -17.14
C ALA A 572 9.44 -17.71 -16.43
N THR A 573 9.68 -17.15 -15.25
CA THR A 573 10.87 -17.56 -14.51
C THR A 573 10.83 -19.05 -14.17
N ALA A 574 9.65 -19.59 -13.83
CA ALA A 574 9.58 -21.00 -13.49
C ALA A 574 9.71 -21.88 -14.73
N LEU A 575 9.03 -21.51 -15.81
CA LEU A 575 9.02 -22.29 -17.05
C LEU A 575 10.33 -22.20 -17.83
N GLN A 576 11.25 -21.32 -17.43
CA GLN A 576 12.43 -20.89 -18.20
C GLN A 576 12.39 -21.22 -19.69
N SER A 577 13.25 -22.13 -20.11
CA SER A 577 13.42 -22.46 -21.52
C SER A 577 12.13 -22.93 -22.17
N GLY A 578 11.15 -23.42 -21.39
CA GLY A 578 9.91 -23.91 -21.95
C GLY A 578 8.90 -22.84 -22.28
N PHE A 579 9.12 -21.60 -21.83
CA PHE A 579 8.29 -20.46 -22.18
C PHE A 579 8.55 -19.95 -23.59
N LEU A 580 9.59 -20.46 -24.25
CA LEU A 580 10.00 -19.97 -25.56
C LEU A 580 8.87 -19.85 -26.57
N PRO A 581 7.93 -20.79 -26.70
CA PRO A 581 6.89 -20.65 -27.73
C PRO A 581 5.97 -19.46 -27.55
N TYR A 582 5.97 -18.80 -26.38
CA TYR A 582 5.01 -17.74 -26.08
C TYR A 582 5.65 -16.36 -25.94
N CYS A 583 6.97 -16.26 -25.93
CA CYS A 583 7.64 -15.06 -25.43
C CYS A 583 7.57 -13.89 -26.42
N GLU A 584 7.59 -14.15 -27.72
CA GLU A 584 7.69 -13.09 -28.72
C GLU A 584 6.60 -12.03 -28.55
N PRO A 585 5.31 -12.37 -28.58
CA PRO A 585 4.31 -11.31 -28.38
C PRO A 585 4.31 -10.75 -26.97
N VAL A 586 4.69 -11.57 -25.97
CA VAL A 586 4.77 -11.07 -24.60
C VAL A 586 5.83 -9.97 -24.50
N TYR A 587 7.02 -10.23 -25.04
CA TYR A 587 8.09 -9.23 -25.04
C TYR A 587 7.66 -7.94 -25.73
N GLN A 588 7.18 -8.05 -26.98
CA GLN A 588 6.90 -6.84 -27.75
C GLN A 588 5.80 -6.01 -27.12
N ARG A 589 4.91 -6.65 -26.36
CA ARG A 589 3.86 -5.86 -25.72
C ARG A 589 4.40 -5.09 -24.52
N CYS A 590 5.32 -5.72 -23.77
CA CYS A 590 5.89 -5.04 -22.62
C CYS A 590 6.70 -3.82 -23.05
N VAL A 591 7.57 -3.99 -24.06
CA VAL A 591 8.31 -2.84 -24.57
C VAL A 591 7.34 -1.76 -25.03
N ASN A 592 6.22 -2.15 -25.62
CA ASN A 592 5.21 -1.17 -26.03
C ASN A 592 4.64 -0.43 -24.83
N LEU A 593 4.34 -1.14 -23.74
CA LEU A 593 3.76 -0.47 -22.57
C LEU A 593 4.73 0.54 -21.98
N VAL A 594 6.02 0.20 -21.92
CA VAL A 594 7.00 1.15 -21.41
C VAL A 594 7.14 2.33 -22.37
N GLN A 595 7.14 2.07 -23.66
CA GLN A 595 7.29 3.16 -24.62
C GLN A 595 6.13 4.13 -24.53
N LYS A 596 4.89 3.63 -24.51
CA LYS A 596 3.75 4.54 -24.46
C LYS A 596 3.68 5.27 -23.12
N THR A 597 4.02 4.59 -22.02
CA THR A 597 3.98 5.27 -20.73
C THR A 597 5.00 6.41 -20.66
N LEU A 598 6.20 6.21 -21.23
CA LEU A 598 7.17 7.29 -21.27
C LEU A 598 6.68 8.44 -22.14
N ALA A 599 6.12 8.12 -23.31
CA ALA A 599 5.69 9.20 -24.21
C ALA A 599 4.54 9.99 -23.59
N GLN A 600 3.61 9.30 -22.92
CA GLN A 600 2.50 10.02 -22.29
C GLN A 600 2.99 10.87 -21.13
N ALA A 601 3.96 10.35 -20.37
CA ALA A 601 4.53 11.14 -19.28
C ALA A 601 5.16 12.42 -19.82
N MET A 602 5.86 12.33 -20.95
CA MET A 602 6.52 13.52 -21.49
C MET A 602 5.52 14.49 -22.06
N LEU A 603 4.45 13.98 -22.65
CA LEU A 603 3.38 14.85 -23.12
C LEU A 603 2.77 15.59 -21.96
N ASN A 604 2.38 14.84 -20.90
CA ASN A 604 1.79 15.48 -19.73
C ASN A 604 2.73 16.51 -19.17
N ASN A 605 4.02 16.18 -19.08
CA ASN A 605 4.99 17.17 -18.63
C ASN A 605 4.99 18.40 -19.52
N ALA A 606 4.62 18.26 -20.79
CA ALA A 606 4.75 19.39 -21.72
C ALA A 606 3.56 20.34 -21.59
N GLN A 607 2.36 19.79 -21.59
CA GLN A 607 1.12 20.56 -21.41
C GLN A 607 0.19 19.84 -20.43
N PRO A 608 0.38 20.08 -19.12
CA PRO A 608 -0.36 19.29 -18.10
C PRO A 608 -1.83 19.57 -18.03
N ASP A 609 -2.28 20.76 -18.41
CA ASP A 609 -3.70 21.08 -18.41
C ASP A 609 -4.43 20.52 -19.63
N GLN A 610 -3.76 19.71 -20.44
CA GLN A 610 -4.39 19.21 -21.64
C GLN A 610 -4.27 17.70 -21.75
N TYR A 611 -3.22 17.13 -21.15
CA TYR A 611 -2.94 15.70 -21.24
C TYR A 611 -2.70 15.15 -19.84
N GLU A 612 -3.42 14.09 -19.48
CA GLU A 612 -3.35 13.59 -18.11
C GLU A 612 -2.13 12.69 -17.93
N ALA A 613 -1.50 12.79 -16.76
CA ALA A 613 -0.28 12.03 -16.51
C ALA A 613 -0.58 10.54 -16.54
N PRO A 614 0.33 9.70 -17.01
CA PRO A 614 0.05 8.26 -17.12
C PRO A 614 0.20 7.57 -15.77
N ASP A 615 -0.51 6.45 -15.66
CA ASP A 615 -0.28 5.52 -14.55
C ASP A 615 1.01 4.76 -14.83
N LYS A 616 2.06 5.07 -14.06
CA LYS A 616 3.33 4.40 -14.26
C LYS A 616 3.37 2.99 -13.71
N ASP A 617 2.26 2.45 -13.22
CA ASP A 617 2.26 1.04 -12.85
C ASP A 617 2.40 0.16 -14.10
N PHE A 618 1.76 0.57 -15.22
CA PHE A 618 1.85 -0.20 -16.46
C PHE A 618 3.30 -0.40 -16.82
N MET A 619 4.11 0.62 -16.56
CA MET A 619 5.51 0.57 -16.90
C MET A 619 6.27 -0.29 -15.90
N ILE A 620 5.92 -0.22 -14.62
CA ILE A 620 6.61 -1.03 -13.62
C ILE A 620 6.32 -2.50 -13.84
N VAL A 621 5.03 -2.83 -13.99
CA VAL A 621 4.64 -4.19 -14.31
C VAL A 621 5.36 -4.68 -15.56
N ALA A 622 5.39 -3.86 -16.62
CA ALA A 622 5.97 -4.31 -17.89
C ALA A 622 7.47 -4.51 -17.79
N LEU A 623 8.16 -3.65 -17.03
CA LEU A 623 9.59 -3.84 -16.81
C LEU A 623 9.84 -5.14 -16.05
N ASP A 624 9.04 -5.39 -15.03
CA ASP A 624 9.27 -6.59 -14.22
C ASP A 624 9.03 -7.86 -15.05
N LEU A 625 8.04 -7.85 -15.94
CA LEU A 625 7.83 -9.03 -16.77
C LEU A 625 9.01 -9.26 -17.71
N LEU A 626 9.55 -8.18 -18.29
CA LEU A 626 10.80 -8.29 -19.05
C LEU A 626 11.94 -8.83 -18.19
N SER A 627 11.96 -8.48 -16.91
CA SER A 627 12.96 -9.07 -16.02
C SER A 627 12.72 -10.57 -15.88
N GLY A 628 11.45 -10.97 -15.86
CA GLY A 628 11.13 -12.38 -15.76
C GLY A 628 11.51 -13.16 -17.02
N LEU A 629 11.31 -12.56 -18.19
CA LEU A 629 11.72 -13.21 -19.43
C LEU A 629 13.23 -13.31 -19.53
N ALA A 630 13.95 -12.28 -19.09
CA ALA A 630 15.41 -12.31 -19.21
C ALA A 630 16.02 -13.30 -18.24
N GLU A 631 15.45 -13.41 -17.04
CA GLU A 631 15.91 -14.40 -16.09
C GLU A 631 15.61 -15.80 -16.58
N GLY A 632 14.38 -16.02 -17.05
CA GLY A 632 13.91 -17.32 -17.50
C GLY A 632 14.46 -17.79 -18.84
N LEU A 633 14.47 -16.93 -19.86
CA LEU A 633 14.98 -17.34 -21.16
C LEU A 633 16.49 -17.24 -21.26
N GLY A 634 17.13 -16.50 -20.36
CA GLY A 634 18.57 -16.31 -20.44
C GLY A 634 18.99 -15.87 -21.84
N GLY A 635 20.02 -16.55 -22.37
CA GLY A 635 20.57 -16.16 -23.66
C GLY A 635 19.56 -16.18 -24.80
N ASN A 636 18.50 -16.96 -24.67
CA ASN A 636 17.48 -17.08 -25.73
C ASN A 636 16.67 -15.82 -25.93
N ILE A 637 16.87 -14.78 -25.12
CA ILE A 637 16.13 -13.54 -25.35
C ILE A 637 16.86 -12.61 -26.29
N GLU A 638 18.12 -12.91 -26.64
CA GLU A 638 18.93 -11.91 -27.32
C GLU A 638 18.36 -11.55 -28.69
N GLN A 639 17.79 -12.53 -29.40
CA GLN A 639 17.21 -12.22 -30.70
C GLN A 639 16.05 -11.23 -30.56
N LEU A 640 15.31 -11.28 -29.45
CA LEU A 640 14.28 -10.27 -29.23
C LEU A 640 14.91 -8.91 -28.93
N VAL A 641 15.97 -8.89 -28.12
CA VAL A 641 16.60 -7.64 -27.73
C VAL A 641 17.36 -7.02 -28.89
N ALA A 642 17.99 -7.86 -29.73
CA ALA A 642 18.75 -7.32 -30.87
C ALA A 642 17.87 -6.46 -31.77
N ARG A 643 16.56 -6.67 -31.77
CA ARG A 643 15.66 -5.94 -32.64
C ARG A 643 14.79 -4.94 -31.86
N SER A 644 15.26 -4.48 -30.71
CA SER A 644 14.44 -3.69 -29.80
C SER A 644 15.09 -2.38 -29.40
N ASN A 645 14.27 -1.44 -28.94
CA ASN A 645 14.75 -0.20 -28.36
C ASN A 645 14.69 -0.21 -26.84
N ILE A 646 14.65 -1.40 -26.23
CA ILE A 646 14.44 -1.49 -24.79
C ILE A 646 15.54 -0.78 -24.00
N LEU A 647 16.78 -0.79 -24.49
CA LEU A 647 17.84 -0.14 -23.72
C LEU A 647 17.73 1.38 -23.79
N THR A 648 17.35 1.92 -24.95
CA THR A 648 17.06 3.35 -25.01
C THR A 648 15.91 3.72 -24.08
N LEU A 649 14.90 2.87 -23.96
CA LEU A 649 13.81 3.13 -23.04
C LEU A 649 14.24 2.91 -21.60
N MET A 650 15.18 1.99 -21.39
CA MET A 650 15.67 1.73 -20.05
C MET A 650 16.47 2.91 -19.53
N TYR A 651 17.24 3.55 -20.42
CA TYR A 651 17.98 4.73 -20.03
C TYR A 651 17.09 5.78 -19.37
N GLN A 652 15.88 5.98 -19.91
CA GLN A 652 15.03 6.98 -19.31
C GLN A 652 14.33 6.45 -18.07
N CYS A 653 13.98 5.17 -18.03
CA CYS A 653 13.34 4.62 -16.84
C CYS A 653 14.25 4.73 -15.62
N MET A 654 15.55 4.54 -15.83
CA MET A 654 16.50 4.62 -14.73
C MET A 654 16.55 6.00 -14.11
N GLN A 655 16.11 7.03 -14.84
CA GLN A 655 16.16 8.41 -14.37
C GLN A 655 14.81 8.93 -13.91
N ASP A 656 13.83 8.05 -13.70
CA ASP A 656 12.49 8.50 -13.35
C ASP A 656 12.45 8.93 -11.90
N LYS A 657 11.63 9.95 -11.62
CA LYS A 657 11.50 10.44 -10.26
C LYS A 657 11.00 9.34 -9.31
N MET A 658 10.14 8.46 -9.78
CA MET A 658 9.49 7.45 -8.93
C MET A 658 10.43 6.27 -8.65
N PRO A 659 10.64 5.91 -7.38
CA PRO A 659 11.62 4.84 -7.07
C PRO A 659 11.31 3.48 -7.67
N GLU A 660 10.06 3.02 -7.62
CA GLU A 660 9.74 1.69 -8.13
C GLU A 660 10.06 1.55 -9.62
N VAL A 661 10.03 2.66 -10.37
CA VAL A 661 10.45 2.63 -11.76
C VAL A 661 11.94 2.41 -11.85
N ARG A 662 12.72 3.21 -11.10
CA ARG A 662 14.16 2.98 -11.05
C ARG A 662 14.45 1.56 -10.58
N GLN A 663 13.72 1.08 -9.57
CA GLN A 663 14.00 -0.25 -9.02
C GLN A 663 13.79 -1.34 -10.06
N SER A 664 12.72 -1.25 -10.85
CA SER A 664 12.47 -2.27 -11.86
C SER A 664 13.45 -2.18 -13.02
N SER A 665 13.85 -0.98 -13.43
CA SER A 665 14.76 -0.89 -14.57
C SER A 665 16.16 -1.39 -14.22
N PHE A 666 16.65 -1.09 -13.01
CA PHE A 666 17.93 -1.66 -12.59
C PHE A 666 17.86 -3.18 -12.49
N ALA A 667 16.73 -3.74 -12.07
CA ALA A 667 16.60 -5.18 -12.06
C ALA A 667 16.68 -5.75 -13.47
N LEU A 668 16.05 -5.05 -14.43
CA LEU A 668 16.13 -5.51 -15.81
C LEU A 668 17.56 -5.42 -16.34
N LEU A 669 18.30 -4.40 -15.90
CA LEU A 669 19.65 -4.18 -16.41
C LEU A 669 20.60 -5.32 -16.00
N GLY A 670 20.50 -5.76 -14.74
CA GLY A 670 21.27 -6.91 -14.32
C GLY A 670 20.89 -8.18 -15.06
N ASP A 671 19.61 -8.34 -15.38
CA ASP A 671 19.17 -9.55 -16.07
C ASP A 671 19.62 -9.54 -17.53
N LEU A 672 19.55 -8.39 -18.19
CA LEU A 672 20.08 -8.31 -19.55
C LEU A 672 21.61 -8.43 -19.56
N THR A 673 22.26 -7.97 -18.50
CA THR A 673 23.71 -8.10 -18.43
C THR A 673 24.11 -9.56 -18.44
N LYS A 674 23.31 -10.40 -17.80
CA LYS A 674 23.60 -11.84 -17.80
C LYS A 674 23.23 -12.48 -19.14
N ALA A 675 22.09 -12.12 -19.70
CA ALA A 675 21.58 -12.85 -20.85
C ALA A 675 22.31 -12.49 -22.14
N CYS A 676 22.43 -11.18 -22.45
CA CYS A 676 22.95 -10.71 -23.74
C CYS A 676 23.76 -9.43 -23.50
N PHE A 677 24.99 -9.59 -22.99
CA PHE A 677 25.82 -8.43 -22.69
C PHE A 677 26.27 -7.69 -23.95
N GLN A 678 26.29 -8.40 -25.10
CA GLN A 678 26.67 -7.77 -26.36
C GLN A 678 25.92 -6.46 -26.56
N HIS A 679 24.65 -6.44 -26.20
CA HIS A 679 23.79 -5.29 -26.38
C HIS A 679 23.89 -4.28 -25.23
N VAL A 680 24.38 -4.68 -24.05
CA VAL A 680 24.47 -3.73 -22.94
C VAL A 680 25.78 -2.97 -22.96
N LYS A 681 26.85 -3.62 -23.43
CA LYS A 681 28.21 -3.07 -23.39
C LYS A 681 28.33 -1.64 -23.91
N PRO A 682 27.72 -1.25 -25.04
CA PRO A 682 27.83 0.14 -25.48
C PRO A 682 27.15 1.14 -24.55
N CYS A 683 26.24 0.71 -23.68
CA CYS A 683 25.53 1.65 -22.83
C CYS A 683 26.17 1.87 -21.47
N ILE A 684 27.18 1.06 -21.11
CA ILE A 684 27.68 1.09 -19.74
C ILE A 684 28.24 2.46 -19.40
N ALA A 685 29.00 3.05 -20.33
CA ALA A 685 29.53 4.40 -20.13
C ALA A 685 28.47 5.38 -19.65
N ASP A 686 27.22 5.24 -20.12
CA ASP A 686 26.16 6.14 -19.70
C ASP A 686 25.38 5.62 -18.51
N PHE A 687 25.31 4.30 -18.32
CA PHE A 687 24.52 3.76 -17.21
C PHE A 687 25.28 3.86 -15.88
N MET A 688 26.61 3.74 -15.92
CA MET A 688 27.36 3.64 -14.67
C MET A 688 27.21 4.86 -13.79
N PRO A 689 27.38 6.10 -14.28
CA PRO A 689 27.11 7.26 -13.41
C PRO A 689 25.72 7.24 -12.80
N ILE A 690 24.71 6.76 -13.53
CA ILE A 690 23.37 6.70 -12.96
C ILE A 690 23.29 5.62 -11.88
N LEU A 691 23.94 4.48 -12.10
CA LEU A 691 24.01 3.50 -11.02
C LEU A 691 24.73 4.08 -9.83
N GLY A 692 25.76 4.90 -10.08
CA GLY A 692 26.48 5.53 -8.99
C GLY A 692 25.62 6.46 -8.15
N THR A 693 24.67 7.13 -8.79
CA THR A 693 23.80 8.08 -8.10
C THR A 693 22.66 7.41 -7.36
N ASN A 694 22.42 6.12 -7.57
CA ASN A 694 21.33 5.43 -6.89
C ASN A 694 21.82 4.48 -5.80
N LEU A 695 23.05 4.65 -5.34
CA LEU A 695 23.52 3.97 -4.13
C LEU A 695 23.11 4.74 -2.87
N ASN A 696 21.80 5.02 -2.75
CA ASN A 696 21.25 5.73 -1.60
C ASN A 696 20.37 4.79 -0.79
N PRO A 697 20.76 4.44 0.44
CA PRO A 697 20.04 3.40 1.19
C PRO A 697 18.68 3.83 1.75
N GLU A 698 18.28 5.10 1.62
CA GLU A 698 16.93 5.46 2.04
C GLU A 698 15.89 4.78 1.17
N PHE A 699 16.24 4.50 -0.08
CA PHE A 699 15.45 3.67 -0.98
C PHE A 699 16.11 2.30 -1.03
N ILE A 700 15.63 1.38 -0.20
CA ILE A 700 16.30 0.08 -0.05
C ILE A 700 16.30 -0.67 -1.37
N SER A 701 15.13 -0.82 -1.98
CA SER A 701 15.03 -1.67 -3.16
C SER A 701 15.80 -1.09 -4.36
N VAL A 702 15.71 0.23 -4.58
CA VAL A 702 16.53 0.84 -5.61
C VAL A 702 18.00 0.62 -5.32
N CYS A 703 18.42 0.94 -4.08
CA CYS A 703 19.82 0.75 -3.73
C CYS A 703 20.27 -0.68 -3.99
N ASN A 704 19.41 -1.65 -3.65
CA ASN A 704 19.79 -3.04 -3.80
C ASN A 704 19.95 -3.42 -5.26
N ASN A 705 18.93 -3.17 -6.08
CA ASN A 705 19.00 -3.58 -7.47
C ASN A 705 20.13 -2.88 -8.20
N ALA A 706 20.42 -1.63 -7.81
CA ALA A 706 21.58 -0.93 -8.37
C ALA A 706 22.87 -1.67 -8.05
N THR A 707 23.10 -2.04 -6.77
CA THR A 707 24.36 -2.70 -6.44
C THR A 707 24.46 -4.05 -7.13
N TRP A 708 23.37 -4.80 -7.16
CA TRP A 708 23.37 -6.09 -7.84
C TRP A 708 23.72 -5.94 -9.31
N ALA A 709 23.15 -4.92 -9.96
CA ALA A 709 23.46 -4.69 -11.37
C ALA A 709 24.95 -4.39 -11.56
N ILE A 710 25.52 -3.58 -10.67
CA ILE A 710 26.95 -3.27 -10.75
C ILE A 710 27.78 -4.55 -10.69
N GLY A 711 27.43 -5.46 -9.78
CA GLY A 711 28.15 -6.73 -9.71
C GLY A 711 28.10 -7.52 -10.99
N GLU A 712 26.89 -7.73 -11.53
CA GLU A 712 26.76 -8.53 -12.75
C GLU A 712 27.46 -7.88 -13.93
N ILE A 713 27.43 -6.54 -14.00
CA ILE A 713 28.15 -5.84 -15.05
C ILE A 713 29.66 -6.08 -14.92
N SER A 714 30.15 -6.18 -13.68
CA SER A 714 31.58 -6.41 -13.45
C SER A 714 32.05 -7.67 -14.14
N ILE A 715 31.37 -8.78 -13.89
CA ILE A 715 31.83 -10.08 -14.32
C ILE A 715 32.07 -10.10 -15.83
N GLN A 716 31.24 -9.38 -16.59
CA GLN A 716 31.40 -9.37 -18.04
C GLN A 716 32.21 -8.19 -18.53
N MET A 717 32.50 -7.21 -17.68
CA MET A 717 33.37 -6.11 -18.07
C MET A 717 34.84 -6.55 -18.09
N GLY A 718 35.23 -7.38 -17.13
CA GLY A 718 36.64 -7.69 -17.02
C GLY A 718 37.41 -6.44 -16.61
N ILE A 719 38.70 -6.43 -16.95
CA ILE A 719 39.56 -5.32 -16.54
C ILE A 719 39.00 -3.98 -16.99
N GLU A 720 38.10 -3.96 -17.97
CA GLU A 720 37.62 -2.72 -18.58
C GLU A 720 36.80 -1.87 -17.63
N MET A 721 36.44 -2.40 -16.45
CA MET A 721 35.67 -1.69 -15.43
C MET A 721 36.56 -0.80 -14.55
N GLN A 722 37.87 -0.72 -14.84
CA GLN A 722 38.78 0.13 -14.07
C GLN A 722 38.28 1.55 -13.88
N PRO A 723 37.90 2.30 -14.92
CA PRO A 723 37.54 3.71 -14.72
C PRO A 723 36.26 3.93 -13.93
N TYR A 724 35.38 2.94 -13.82
CA TYR A 724 34.09 3.16 -13.18
C TYR A 724 34.10 2.87 -11.68
N ILE A 725 35.18 2.32 -11.15
CA ILE A 725 35.24 1.93 -9.73
C ILE A 725 35.21 3.13 -8.77
N PRO A 726 35.90 4.24 -9.05
CA PRO A 726 35.80 5.39 -8.13
C PRO A 726 34.39 5.94 -7.97
N MET A 727 33.50 5.68 -8.93
CA MET A 727 32.14 6.18 -8.87
C MET A 727 31.26 5.44 -7.86
N VAL A 728 31.68 4.28 -7.39
CA VAL A 728 30.77 3.42 -6.64
C VAL A 728 31.37 2.98 -5.32
N LEU A 729 32.69 2.71 -5.30
CA LEU A 729 33.27 1.92 -4.22
C LEU A 729 33.15 2.62 -2.87
N HIS A 730 33.55 3.90 -2.79
CA HIS A 730 33.53 4.59 -1.51
C HIS A 730 32.14 4.57 -0.89
N GLN A 731 31.09 4.66 -1.71
CA GLN A 731 29.74 4.59 -1.16
C GLN A 731 29.36 3.18 -0.77
N LEU A 732 29.73 2.19 -1.58
CA LEU A 732 29.47 0.79 -1.23
C LEU A 732 30.06 0.44 0.13
N VAL A 733 31.29 0.86 0.38
CA VAL A 733 31.91 0.65 1.69
C VAL A 733 31.10 1.33 2.79
N GLU A 734 30.62 2.55 2.52
CA GLU A 734 29.79 3.23 3.50
C GLU A 734 28.49 2.49 3.72
N ILE A 735 27.92 1.91 2.65
CA ILE A 735 26.65 1.21 2.78
C ILE A 735 26.81 -0.07 3.58
N ILE A 736 27.93 -0.78 3.40
CA ILE A 736 28.10 -2.06 4.06
C ILE A 736 28.42 -1.91 5.55
N ASN A 737 28.92 -0.74 5.98
CA ASN A 737 29.15 -0.50 7.39
C ASN A 737 28.05 0.36 8.03
N ARG A 738 26.90 0.52 7.35
CA ARG A 738 25.84 1.35 7.92
C ARG A 738 24.96 0.52 8.83
N PRO A 739 24.75 0.93 10.09
CA PRO A 739 23.91 0.13 11.00
C PRO A 739 22.46 0.10 10.55
N ASN A 740 21.77 -0.96 10.96
CA ASN A 740 20.35 -1.18 10.69
C ASN A 740 20.05 -1.08 9.19
N THR A 741 20.88 -1.73 8.43
CA THR A 741 20.70 -1.95 7.01
C THR A 741 20.21 -3.36 6.78
N PRO A 742 19.13 -3.56 6.03
CA PRO A 742 18.55 -4.91 5.89
C PRO A 742 19.58 -5.92 5.39
N LYS A 743 19.44 -7.17 5.86
CA LYS A 743 20.48 -8.16 5.59
C LYS A 743 20.68 -8.36 4.10
N THR A 744 19.59 -8.31 3.32
CA THR A 744 19.68 -8.59 1.89
C THR A 744 20.48 -7.53 1.15
N LEU A 745 20.29 -6.25 1.48
CA LEU A 745 21.15 -5.22 0.89
C LEU A 745 22.61 -5.42 1.30
N LEU A 746 22.87 -5.92 2.51
CA LEU A 746 24.25 -6.11 2.94
C LEU A 746 24.94 -7.21 2.16
N GLU A 747 24.24 -8.35 1.97
CA GLU A 747 24.82 -9.45 1.20
C GLU A 747 25.08 -9.06 -0.24
N ASN A 748 24.17 -8.30 -0.83
CA ASN A 748 24.38 -7.90 -2.22
C ASN A 748 25.54 -6.90 -2.31
N THR A 749 25.65 -5.99 -1.34
CA THR A 749 26.81 -5.09 -1.30
C THR A 749 28.10 -5.86 -1.11
N ALA A 750 28.10 -6.88 -0.25
CA ALA A 750 29.28 -7.71 -0.10
C ALA A 750 29.63 -8.42 -1.40
N ILE A 751 28.61 -8.94 -2.09
CA ILE A 751 28.88 -9.69 -3.32
C ILE A 751 29.38 -8.76 -4.42
N THR A 752 28.92 -7.51 -4.43
CA THR A 752 29.36 -6.57 -5.46
C THR A 752 30.78 -6.10 -5.20
N ILE A 753 31.12 -5.82 -3.93
CA ILE A 753 32.50 -5.42 -3.62
C ILE A 753 33.44 -6.57 -3.94
N GLY A 754 33.07 -7.79 -3.58
CA GLY A 754 33.86 -8.95 -3.96
C GLY A 754 34.04 -9.05 -5.45
N ARG A 755 32.96 -8.93 -6.20
CA ARG A 755 33.06 -9.02 -7.65
C ARG A 755 33.93 -7.91 -8.22
N LEU A 756 33.84 -6.70 -7.66
CA LEU A 756 34.67 -5.59 -8.14
C LEU A 756 36.14 -5.81 -7.82
N GLY A 757 36.43 -6.50 -6.72
CA GLY A 757 37.82 -6.78 -6.39
C GLY A 757 38.40 -7.93 -7.18
N TYR A 758 37.54 -8.87 -7.60
CA TYR A 758 37.97 -9.94 -8.50
C TYR A 758 38.37 -9.37 -9.86
N VAL A 759 37.69 -8.30 -10.27
CA VAL A 759 37.87 -7.81 -11.62
C VAL A 759 38.96 -6.74 -11.70
N CYS A 760 39.08 -5.88 -10.67
CA CYS A 760 40.15 -4.88 -10.59
C CYS A 760 40.66 -4.81 -9.16
N PRO A 761 41.48 -5.79 -8.76
CA PRO A 761 42.00 -5.78 -7.38
C PRO A 761 42.76 -4.52 -7.02
N GLN A 762 43.42 -3.85 -7.99
CA GLN A 762 44.32 -2.74 -7.68
C GLN A 762 43.62 -1.69 -6.82
N GLU A 763 42.43 -1.20 -7.26
CA GLU A 763 41.80 -0.08 -6.58
C GLU A 763 40.81 -0.52 -5.52
N VAL A 764 40.52 -1.81 -5.42
CA VAL A 764 39.60 -2.31 -4.39
C VAL A 764 40.36 -2.75 -3.13
N ALA A 765 41.50 -3.41 -3.32
CA ALA A 765 42.23 -3.97 -2.19
C ALA A 765 42.58 -2.96 -1.10
N PRO A 766 42.93 -1.71 -1.39
CA PRO A 766 43.25 -0.77 -0.30
C PRO A 766 42.18 -0.64 0.77
N MET A 767 40.91 -0.92 0.45
CA MET A 767 39.83 -0.76 1.41
C MET A 767 39.58 -1.98 2.29
N LEU A 768 40.33 -3.08 2.07
CA LEU A 768 40.05 -4.34 2.78
C LEU A 768 39.85 -4.11 4.28
N GLN A 769 40.81 -3.43 4.92
CA GLN A 769 40.70 -3.15 6.36
C GLN A 769 39.37 -2.49 6.71
N GLN A 770 38.82 -1.68 5.81
CA GLN A 770 37.67 -0.85 6.15
C GLN A 770 36.31 -1.54 5.96
N PHE A 771 36.26 -2.71 5.31
CA PHE A 771 34.98 -3.39 5.07
C PHE A 771 34.99 -4.89 5.34
N ILE A 772 36.14 -5.51 5.63
CA ILE A 772 36.20 -6.98 5.69
C ILE A 772 35.33 -7.54 6.80
N ARG A 773 35.25 -6.83 7.94
CA ARG A 773 34.39 -7.30 9.03
C ARG A 773 32.95 -7.48 8.58
N PRO A 774 32.22 -6.42 8.18
CA PRO A 774 30.82 -6.64 7.78
C PRO A 774 30.68 -7.51 6.54
N TRP A 775 31.66 -7.45 5.62
CA TRP A 775 31.67 -8.35 4.47
C TRP A 775 31.60 -9.80 4.92
N CYS A 776 32.51 -10.23 5.79
CA CYS A 776 32.52 -11.62 6.21
C CYS A 776 31.31 -11.96 7.05
N THR A 777 30.91 -11.05 7.95
CA THR A 777 29.77 -11.33 8.81
C THR A 777 28.51 -11.54 7.99
N SER A 778 28.36 -10.80 6.90
CA SER A 778 27.18 -10.94 6.07
C SER A 778 27.28 -12.16 5.15
N LEU A 779 28.39 -12.33 4.45
CA LEU A 779 28.51 -13.41 3.48
C LEU A 779 28.60 -14.78 4.11
N ARG A 780 28.92 -14.84 5.41
CA ARG A 780 28.98 -16.10 6.15
C ARG A 780 27.69 -16.88 6.07
N ASN A 781 26.56 -16.21 5.79
CA ASN A 781 25.24 -16.77 6.00
C ASN A 781 24.50 -17.14 4.70
N ILE A 782 25.14 -17.03 3.54
CA ILE A 782 24.47 -17.31 2.26
C ILE A 782 24.91 -18.66 1.72
N ARG A 783 23.99 -19.30 0.98
CA ARG A 783 24.20 -20.62 0.40
C ARG A 783 25.36 -20.62 -0.58
N ASP A 784 26.02 -21.77 -0.70
CA ASP A 784 27.15 -21.90 -1.63
C ASP A 784 26.63 -21.92 -3.06
N ASN A 785 26.79 -20.81 -3.76
CA ASN A 785 26.28 -20.70 -5.12
C ASN A 785 27.25 -19.85 -5.93
N GLU A 786 26.88 -19.57 -7.16
CA GLU A 786 27.78 -18.89 -8.09
C GLU A 786 28.13 -17.48 -7.62
N GLU A 787 27.18 -16.76 -7.01
CA GLU A 787 27.48 -15.42 -6.51
C GLU A 787 28.42 -15.49 -5.32
N LYS A 788 28.17 -16.44 -4.40
CA LYS A 788 29.11 -16.67 -3.32
C LYS A 788 30.50 -17.02 -3.87
N ASP A 789 30.56 -17.95 -4.82
CA ASP A 789 31.82 -18.32 -5.45
C ASP A 789 32.51 -17.09 -6.03
N SER A 790 31.78 -16.33 -6.85
CA SER A 790 32.34 -15.16 -7.52
C SER A 790 32.88 -14.15 -6.52
N ALA A 791 32.15 -13.95 -5.42
CA ALA A 791 32.57 -12.94 -4.45
C ALA A 791 33.80 -13.36 -3.68
N PHE A 792 33.96 -14.67 -3.42
CA PHE A 792 35.06 -15.12 -2.57
C PHE A 792 36.39 -15.15 -3.33
N ARG A 793 36.36 -15.47 -4.64
CA ARG A 793 37.56 -15.28 -5.45
C ARG A 793 37.96 -13.82 -5.51
N GLY A 794 36.98 -12.92 -5.36
CA GLY A 794 37.36 -11.53 -5.27
C GLY A 794 38.10 -11.21 -3.99
N ILE A 795 37.61 -11.71 -2.85
CA ILE A 795 38.29 -11.45 -1.58
C ILE A 795 39.67 -12.08 -1.57
N CYS A 796 39.84 -13.24 -2.21
CA CYS A 796 41.13 -13.89 -2.22
C CYS A 796 42.14 -13.04 -2.98
N THR A 797 41.77 -12.57 -4.17
CA THR A 797 42.66 -11.75 -4.98
C THR A 797 43.09 -10.48 -4.23
N MET A 798 42.18 -9.87 -3.50
CA MET A 798 42.51 -8.67 -2.75
C MET A 798 43.36 -8.93 -1.49
N SER A 800 45.47 -11.25 -1.50
CA SER A 800 46.70 -11.56 -2.24
C SER A 800 47.47 -10.30 -2.60
N VAL A 801 46.74 -9.21 -2.88
CA VAL A 801 47.38 -7.97 -3.28
C VAL A 801 47.66 -7.06 -2.09
N ASN A 802 46.88 -7.13 -1.03
CA ASN A 802 47.20 -6.47 0.23
C ASN A 802 46.76 -7.44 1.32
N PRO A 803 47.61 -8.42 1.66
CA PRO A 803 47.30 -9.31 2.79
C PRO A 803 47.28 -8.57 4.11
N SER A 804 48.03 -7.46 4.24
CA SER A 804 48.01 -6.67 5.46
C SER A 804 46.65 -6.04 5.75
N GLY A 805 45.75 -5.93 4.77
CA GLY A 805 44.41 -5.49 5.10
C GLY A 805 43.57 -6.54 5.78
N VAL A 806 44.09 -7.76 5.94
CA VAL A 806 43.29 -8.83 6.50
C VAL A 806 43.66 -9.12 7.97
N ILE A 807 44.85 -8.73 8.42
CA ILE A 807 45.47 -9.33 9.61
C ILE A 807 44.71 -8.99 10.88
N GLN A 808 44.47 -7.71 11.16
CA GLN A 808 43.93 -7.35 12.48
C GLN A 808 42.54 -7.93 12.73
N ASP A 809 41.83 -8.33 11.69
CA ASP A 809 40.49 -8.88 11.79
C ASP A 809 40.38 -10.26 11.13
N PHE A 810 41.47 -11.05 11.20
CA PHE A 810 41.54 -12.34 10.49
C PHE A 810 40.53 -13.35 11.00
N ILE A 811 40.10 -13.21 12.25
CA ILE A 811 39.09 -14.13 12.78
C ILE A 811 37.88 -14.20 11.85
N PHE A 812 37.53 -13.10 11.19
CA PHE A 812 36.31 -13.08 10.40
C PHE A 812 36.48 -13.81 9.08
N PHE A 813 37.66 -13.71 8.45
CA PHE A 813 37.90 -14.47 7.23
C PHE A 813 37.87 -15.98 7.49
N CYS A 814 38.60 -16.42 8.52
CA CYS A 814 38.61 -17.84 8.86
C CYS A 814 37.19 -18.38 8.94
N ASP A 815 36.34 -17.69 9.68
CA ASP A 815 34.95 -18.10 9.82
C ASP A 815 34.25 -18.09 8.45
N ALA A 816 34.51 -17.07 7.64
CA ALA A 816 33.82 -16.97 6.36
C ALA A 816 34.15 -18.12 5.42
N VAL A 817 35.40 -18.61 5.44
CA VAL A 817 35.72 -19.75 4.58
C VAL A 817 35.14 -21.04 5.14
N ALA A 818 35.03 -21.15 6.47
CA ALA A 818 34.37 -22.32 7.04
C ALA A 818 32.89 -22.34 6.73
N SER A 819 32.30 -21.22 6.32
CA SER A 819 30.90 -21.21 5.91
C SER A 819 30.65 -22.11 4.70
N TRP A 820 31.69 -22.42 3.92
CA TRP A 820 31.55 -23.20 2.71
C TRP A 820 31.45 -24.70 3.00
N ILE A 821 30.31 -25.28 2.64
CA ILE A 821 30.13 -26.73 2.70
C ILE A 821 30.74 -27.40 1.48
N ASN A 822 30.35 -26.95 0.29
CA ASN A 822 30.71 -27.61 -0.96
C ASN A 822 31.39 -26.58 -1.86
N PRO A 823 32.66 -26.28 -1.61
CA PRO A 823 33.40 -25.38 -2.52
C PRO A 823 34.01 -26.16 -3.68
N LYS A 824 33.92 -25.59 -4.87
CA LYS A 824 34.56 -26.21 -6.02
C LYS A 824 36.07 -26.18 -5.86
N ASP A 825 36.73 -27.16 -6.47
CA ASP A 825 38.14 -27.45 -6.17
C ASP A 825 39.03 -26.22 -6.31
N ASP A 826 38.88 -25.45 -7.40
CA ASP A 826 39.70 -24.24 -7.59
C ASP A 826 39.70 -23.37 -6.36
N LEU A 827 38.50 -23.11 -5.83
CA LEU A 827 38.36 -22.24 -4.67
C LEU A 827 38.96 -22.86 -3.42
N ARG A 828 38.90 -24.20 -3.31
CA ARG A 828 39.55 -24.89 -2.20
C ARG A 828 41.06 -24.65 -2.23
N ASP A 829 41.69 -24.96 -3.36
CA ASP A 829 43.12 -24.69 -3.52
C ASP A 829 43.45 -23.27 -3.12
N MET A 830 42.72 -22.30 -3.66
CA MET A 830 42.88 -20.90 -3.25
C MET A 830 42.83 -20.78 -1.74
N PHE A 831 41.79 -21.36 -1.11
CA PHE A 831 41.55 -21.19 0.32
C PHE A 831 42.73 -21.69 1.16
N CYS A 832 43.27 -22.88 0.84
CA CYS A 832 44.39 -23.40 1.60
C CYS A 832 45.56 -22.43 1.62
N LYS A 833 45.77 -21.72 0.52
CA LYS A 833 46.96 -20.88 0.38
C LYS A 833 46.95 -19.72 1.37
N ILE A 834 45.83 -19.02 1.52
CA ILE A 834 45.82 -17.85 2.40
C ILE A 834 45.88 -18.28 3.87
N LEU A 835 45.14 -19.33 4.24
CA LEU A 835 45.17 -19.81 5.61
C LEU A 835 46.56 -20.33 5.98
N HIS A 836 47.14 -21.21 5.14
CA HIS A 836 48.50 -21.71 5.37
C HIS A 836 49.50 -20.56 5.43
N GLY A 837 49.29 -19.51 4.62
CA GLY A 837 50.17 -18.37 4.64
C GLY A 837 50.12 -17.59 5.96
N PHE A 838 48.91 -17.44 6.52
CA PHE A 838 48.79 -16.78 7.82
C PHE A 838 49.42 -17.62 8.92
N LYS A 839 49.21 -18.94 8.89
CA LYS A 839 49.84 -19.82 9.86
C LYS A 839 51.33 -19.55 9.98
N ASN A 840 52.02 -19.43 8.84
CA ASN A 840 53.47 -19.29 8.79
C ASN A 840 53.95 -17.94 9.32
N GLN A 841 53.11 -17.26 10.10
CA GLN A 841 53.45 -16.01 10.75
C GLN A 841 52.91 -15.99 12.19
N GLU A 845 53.20 -24.01 15.23
CA GLU A 845 53.49 -22.59 15.09
C GLU A 845 52.75 -21.71 16.12
N ASN A 846 53.15 -20.43 16.17
CA ASN A 846 52.73 -19.48 17.21
C ASN A 846 51.22 -19.29 17.29
N TRP A 847 50.50 -19.56 16.20
CA TRP A 847 49.10 -19.16 16.03
C TRP A 847 48.12 -19.93 16.90
N ARG A 848 48.55 -20.99 17.59
CA ARG A 848 47.59 -21.91 18.21
C ARG A 848 46.75 -21.23 19.30
N ARG A 849 47.29 -20.20 19.95
CA ARG A 849 46.52 -19.42 20.92
C ARG A 849 45.32 -18.76 20.25
N PHE A 850 45.52 -18.18 19.08
CA PHE A 850 44.44 -17.54 18.34
C PHE A 850 43.45 -18.58 17.84
N SER A 851 43.96 -19.68 17.29
CA SER A 851 43.12 -20.71 16.69
C SER A 851 42.27 -21.47 17.71
N ASP A 852 42.56 -21.36 19.00
CA ASP A 852 41.77 -22.08 20.00
C ASP A 852 40.52 -21.30 20.40
N GLN A 853 40.45 -20.00 20.06
CA GLN A 853 39.22 -19.23 20.17
C GLN A 853 38.18 -19.65 19.12
N PHE A 854 38.56 -20.51 18.19
CA PHE A 854 37.61 -21.13 17.27
C PHE A 854 36.57 -21.92 18.06
N PRO A 855 35.27 -21.80 17.75
CA PRO A 855 34.33 -22.85 18.17
C PRO A 855 34.71 -24.17 17.53
N LEU A 856 34.28 -25.28 18.15
CA LEU A 856 34.72 -26.59 17.68
C LEU A 856 34.36 -26.87 16.22
N PRO A 857 33.14 -26.57 15.73
CA PRO A 857 32.87 -26.79 14.29
C PRO A 857 33.77 -25.98 13.36
N LEU A 858 34.11 -24.77 13.76
CA LEU A 858 35.04 -23.94 12.99
C LEU A 858 36.39 -24.63 12.87
N LYS A 859 37.02 -24.90 14.02
CA LYS A 859 38.36 -25.48 14.04
C LYS A 859 38.43 -26.78 13.26
N GLU A 860 37.35 -27.57 13.32
CA GLU A 860 37.41 -28.92 12.76
C GLU A 860 37.16 -28.93 11.24
N ARG A 861 36.25 -28.07 10.74
CA ARG A 861 36.07 -28.02 9.29
C ARG A 861 37.29 -27.48 8.58
N LEU A 862 37.98 -26.51 9.20
CA LEU A 862 39.21 -25.98 8.60
C LEU A 862 40.28 -27.04 8.48
N ALA A 863 40.38 -27.93 9.47
CA ALA A 863 41.35 -29.01 9.34
C ALA A 863 40.87 -30.05 8.33
N ALA A 864 39.55 -30.18 8.17
CA ALA A 864 38.99 -31.25 7.33
C ALA A 864 39.14 -30.94 5.85
N PHE A 865 38.95 -29.69 5.46
CA PHE A 865 39.05 -29.29 4.05
C PHE A 865 40.45 -28.82 3.68
N TYR A 866 41.11 -28.06 4.54
CA TYR A 866 42.33 -27.35 4.18
C TYR A 866 43.53 -27.70 5.05
N GLY A 867 43.36 -28.55 6.07
CA GLY A 867 44.51 -29.12 6.75
C GLY A 867 45.30 -28.16 7.61
N VAL A 868 44.65 -27.15 8.17
CA VAL A 868 45.32 -26.23 9.08
C VAL A 868 44.79 -26.39 10.50
N PRO B 55 20.64 -13.33 -0.94
CA PRO B 55 20.28 -13.58 -2.34
C PRO B 55 20.94 -12.60 -3.35
N GLY B 56 20.11 -12.02 -4.25
CA GLY B 56 20.50 -11.04 -5.24
C GLY B 56 19.28 -10.46 -5.97
N LYS B 57 18.93 -9.18 -5.73
CA LYS B 57 17.81 -8.45 -6.37
C LYS B 57 16.46 -8.63 -5.70
N MET B 58 15.66 -7.57 -5.68
CA MET B 58 14.41 -7.49 -4.92
C MET B 58 13.22 -7.33 -5.83
N ASP B 59 12.26 -8.27 -5.73
CA ASP B 59 11.19 -8.36 -6.73
C ASP B 59 10.07 -7.35 -6.46
N SER B 60 9.63 -7.24 -5.22
CA SER B 60 8.48 -6.43 -4.81
C SER B 60 7.15 -6.98 -5.35
N ARG B 61 7.17 -8.11 -6.06
CA ARG B 61 5.94 -8.67 -6.60
C ARG B 61 5.11 -9.36 -5.51
N GLY B 62 5.77 -9.98 -4.53
CA GLY B 62 5.03 -10.63 -3.47
C GLY B 62 4.20 -9.66 -2.65
N GLU B 63 4.75 -8.46 -2.41
CA GLU B 63 4.00 -7.45 -1.67
C GLU B 63 2.73 -7.04 -2.41
N HIS B 64 2.81 -6.93 -3.74
CA HIS B 64 1.63 -6.57 -4.53
C HIS B 64 0.56 -7.64 -4.44
N ARG B 65 0.97 -8.92 -4.48
CA ARG B 65 0.00 -10.00 -4.38
C ARG B 65 -0.64 -10.05 -3.00
N GLN B 66 0.15 -9.85 -1.94
CA GLN B 66 -0.42 -9.82 -0.60
C GLN B 66 -1.45 -8.70 -0.45
N ASP B 67 -1.23 -7.56 -1.10
CA ASP B 67 -2.15 -6.45 -0.86
C ASP B 67 -3.48 -6.66 -1.59
N ARG B 68 -3.50 -7.40 -2.71
CA ARG B 68 -4.75 -7.74 -3.40
C ARG B 68 -5.47 -8.91 -2.76
N ARG B 69 -4.89 -9.54 -1.76
CA ARG B 69 -5.50 -10.71 -1.15
C ARG B 69 -6.74 -10.32 -0.34
N GLU B 70 -7.72 -11.22 -0.30
CA GLU B 70 -8.90 -11.00 0.53
C GLU B 70 -8.55 -10.98 2.02
N ARG B 71 -9.21 -10.10 2.77
CA ARG B 71 -9.01 -9.95 4.22
C ARG B 71 -10.30 -9.45 4.85
N PRO B 72 -10.71 -10.01 5.98
CA PRO B 72 -11.94 -9.55 6.65
C PRO B 72 -11.85 -8.15 7.25
N TYR B 73 -10.66 -7.56 7.39
CA TYR B 73 -10.54 -6.23 7.96
C TYR B 73 -9.14 -5.66 7.64
#